data_9FJF
#
_entry.id   9FJF
#
loop_
_entity.id
_entity.type
_entity.pdbx_description
1 polymer 'Lysosome membrane protein 2'
2 polymer 'Lysosomal acid glucosylceramidase'
3 polymer 'Nanobody Nb1'
4 polymer 'Nanobody Nb6'
5 branched beta-D-mannopyranose-(1-4)-2-acetamido-2-deoxy-beta-D-glucopyranose-(1-4)-2-acetamido-2-deoxy-beta-D-glucopyranose
6 branched 2-acetamido-2-deoxy-beta-D-glucopyranose-(1-4)-2-acetamido-2-deoxy-beta-D-glucopyranose
7 branched alpha-D-mannopyranose-(1-3)-[alpha-D-mannopyranose-(1-6)]beta-D-mannopyranose-(1-4)-2-acetamido-2-deoxy-beta-D-glucopyranose-(1-4)-2-acetamido-2-deoxy-beta-D-glucopyranose
8 non-polymer 2-acetamido-2-deoxy-beta-D-glucopyranose
9 non-polymer '2-(N-MORPHOLINO)-ETHANESULFONIC ACID'
10 water water
#
loop_
_entity_poly.entity_id
_entity_poly.type
_entity_poly.pdbx_seq_one_letter_code
_entity_poly.pdbx_strand_id
1 'polypeptide(L)'
;KKIVLRNGTEAFDSWEKPPLPVYTQFYFFNVTNPEEILRGETPRVEEVGPYTYRELRNKANIQFGDNGTTISAVSNKAYV
FERDQSVGDPKIDLIRTLNIPVLTVIEWSQVHFLREIIEAMLKAYQQKLFVTHTVDELLWGYKDEILSLIHVFRPDISPY
FGLFYEKNGTNDGDYVFLTGEDSYLNFTKIVEWNGKTSLDWWITDKCNMINGTDGDSFHPLITKDEVLYVFPSDFCRSVY
ITFSDYESVQGLPAFRYKVPAEILANTSDNAGFCIPEGNCLGSGVLNVSICKNGAPIIMSFPHFYQADERFVSAIEGMHP
NQEDHETFVDINPLTGIILKAAKRFQINIYVKKLDDFVETGDIRTMVFPVMYLNESVHIDKETASRLKSMI
;
A
2 'polypeptide(L)'
;ARPCIPKSFGYSSVVCVCNATYCDSFDPPTFPALGTFSRYESTRSGRRMELSMGPIQANHTGTGLLLTLQPEQKFQKVKG
FGGAMTDAAALNILALSPPAQNLLLKSYFSEEGIGYNIIRVPMASCDFSIRTYTYADTPDDFQLHNFSLPEEDTKLKIPL
IHRALQLAQRPVSLLASPWTSPTWLKTNGAVNGKGSLKGQPGDIYHQTWARYFVKFLDAYAEHKLQFWAVTAENEPSAGL
LSGYPFQCLGFTPEHQRDFIARDLGPTLANSTHHNVRLLMLDDQRLLLPHWAKVVLTDPEAAKYVHGIAVHWYLDFLAPA
KATLGETHRLFPNTMLFASEACVGSKFWEQSVRLGSWDRGMQYSHSIITNLLYHVVGWTDWNLALNPEGGPNWVRNFVDS
PIIVDITKDTFYKQPMFYHLGHFSKFIPEGSQRVGLVASQKNDLDAVALMHPDGSAVVVVLNRSSKDVPLTIKDPAVGFL
ETISPGYSIHTYLWRRQ
;
B
3 'polypeptide(L)'
;QVQLVESGGGLVQPGGSLRLSCAASGFTLDYYAIGWFRQAPGKEREGVSCISSSDGSTYYADSAKGRFTISRDNAKNTVY
LQMNSLKPEDTAVYYCATDRGQCTYYSSGYYRDLRWYDYWGQGTQVTVPP
;
C
4 'polypeptide(L)'
;QVQLVESGGGLVQPGGSLRLSCAASGSIFSINTMGWYRQAPGKEREMVAYIITFGSTNYADSVKGRFTISGDNANNTMWL
QMNSLKPEDTAVYYCYAAIRPTDSSTYTSYWGQGTQVTVPP
;
D
#
# COMPACT_ATOMS: atom_id res chain seq x y z
N LYS A 1 -2.18 -49.52 48.34
CA LYS A 1 -1.06 -50.40 47.89
C LYS A 1 -1.16 -50.59 46.38
N LYS A 2 -2.33 -51.01 45.89
CA LYS A 2 -2.54 -51.25 44.44
C LYS A 2 -2.42 -49.92 43.68
N ILE A 3 -2.66 -48.79 44.37
CA ILE A 3 -2.64 -47.46 43.69
C ILE A 3 -1.19 -46.98 43.58
N VAL A 4 -0.59 -47.14 42.40
CA VAL A 4 0.81 -46.67 42.15
C VAL A 4 0.86 -46.14 40.71
N LEU A 5 1.90 -45.36 40.37
CA LEU A 5 1.97 -44.75 39.01
C LEU A 5 2.90 -45.59 38.12
N ARG A 6 3.09 -46.87 38.47
CA ARG A 6 4.00 -47.74 37.69
C ARG A 6 3.41 -47.99 36.29
N ASN A 7 4.27 -48.26 35.30
CA ASN A 7 3.80 -48.49 33.91
C ASN A 7 3.09 -49.84 33.81
N GLY A 8 2.27 -50.05 32.77
CA GLY A 8 1.52 -51.31 32.60
C GLY A 8 0.57 -51.53 33.77
N THR A 9 -0.06 -50.46 34.27
CA THR A 9 -0.96 -50.57 35.45
C THR A 9 -2.26 -49.81 35.15
N GLU A 10 -3.31 -50.04 35.93
CA GLU A 10 -4.62 -49.37 35.72
C GLU A 10 -4.47 -47.86 35.92
N ALA A 11 -3.73 -47.43 36.94
CA ALA A 11 -3.60 -45.99 37.25
C ALA A 11 -2.92 -45.28 36.07
N PHE A 12 -1.85 -45.89 35.54
CA PHE A 12 -1.13 -45.29 34.38
C PHE A 12 -2.09 -45.24 33.19
N ASP A 13 -2.93 -46.26 33.04
CA ASP A 13 -3.87 -46.33 31.88
C ASP A 13 -4.83 -45.13 31.91
N SER A 14 -5.36 -44.78 33.08
CA SER A 14 -6.27 -43.62 33.21
C SER A 14 -5.49 -42.31 33.04
N TRP A 15 -4.56 -42.05 33.95
CA TRP A 15 -3.73 -40.82 33.88
C TRP A 15 -3.32 -40.55 32.43
N GLU A 16 -2.97 -41.59 31.67
CA GLU A 16 -2.46 -41.40 30.29
C GLU A 16 -3.51 -40.73 29.40
N LYS A 17 -4.75 -41.24 29.41
CA LYS A 17 -5.84 -40.62 28.60
C LYS A 17 -7.15 -40.66 29.41
N PRO A 18 -7.76 -39.50 29.73
CA PRO A 18 -8.97 -39.47 30.55
C PRO A 18 -10.16 -40.16 29.87
N PRO A 19 -11.07 -40.81 30.61
CA PRO A 19 -12.21 -41.52 30.03
C PRO A 19 -13.58 -40.80 30.11
N LEU A 20 -13.60 -39.51 30.46
CA LEU A 20 -14.90 -38.79 30.63
C LEU A 20 -14.84 -37.42 29.95
N PRO A 21 -15.97 -36.88 29.44
CA PRO A 21 -15.98 -35.58 28.75
C PRO A 21 -16.32 -34.37 29.65
N VAL A 22 -16.01 -33.15 29.19
CA VAL A 22 -16.31 -31.90 29.96
C VAL A 22 -16.89 -30.86 29.00
N TYR A 23 -17.68 -29.91 29.52
CA TYR A 23 -18.31 -28.87 28.66
C TYR A 23 -18.11 -27.47 29.27
N THR A 24 -18.19 -26.42 28.44
CA THR A 24 -18.01 -25.02 28.94
C THR A 24 -19.14 -24.13 28.40
N GLN A 25 -19.56 -23.12 29.16
CA GLN A 25 -20.65 -22.20 28.72
C GLN A 25 -20.25 -20.75 29.01
N PHE A 26 -20.73 -19.80 28.21
CA PHE A 26 -20.36 -18.36 28.38
C PHE A 26 -21.62 -17.49 28.37
N TYR A 27 -21.64 -16.43 29.19
CA TYR A 27 -22.80 -15.50 29.22
C TYR A 27 -22.28 -14.06 29.15
N PHE A 28 -23.02 -13.14 28.51
CA PHE A 28 -22.52 -11.76 28.31
C PHE A 28 -23.56 -10.72 28.76
N PHE A 29 -23.19 -9.43 28.69
CA PHE A 29 -24.10 -8.33 29.11
C PHE A 29 -24.21 -7.28 27.98
N ASN A 30 -25.31 -6.52 27.92
CA ASN A 30 -25.54 -5.55 26.83
C ASN A 30 -25.89 -4.16 27.41
N VAL A 31 -25.24 -3.10 26.93
CA VAL A 31 -25.50 -1.70 27.42
C VAL A 31 -26.86 -1.23 26.90
N THR A 32 -27.60 -0.45 27.70
CA THR A 32 -28.96 -0.01 27.30
C THR A 32 -28.97 1.46 26.87
N ASN A 33 -28.19 2.32 27.54
CA ASN A 33 -28.23 3.78 27.23
C ASN A 33 -26.82 4.38 27.29
N PRO A 34 -26.09 4.51 26.16
CA PRO A 34 -24.71 5.01 26.22
C PRO A 34 -24.59 6.51 26.39
N GLU A 35 -25.52 7.30 25.82
CA GLU A 35 -25.37 8.75 25.80
C GLU A 35 -25.50 9.35 27.19
N GLU A 36 -26.49 8.90 27.97
CA GLU A 36 -26.75 9.52 29.27
C GLU A 36 -25.61 9.30 30.25
N ILE A 37 -24.82 8.25 30.03
CA ILE A 37 -23.74 7.92 30.97
C ILE A 37 -22.67 9.01 30.97
N LEU A 38 -22.48 9.67 29.83
CA LEU A 38 -21.46 10.71 29.76
C LEU A 38 -21.79 11.89 30.68
N ARG A 39 -23.07 12.23 30.79
CA ARG A 39 -23.52 13.12 31.84
C ARG A 39 -23.92 12.30 33.07
N GLY A 40 -24.58 12.94 34.03
CA GLY A 40 -25.01 12.23 35.22
C GLY A 40 -26.10 11.20 34.97
N GLU A 41 -25.78 9.92 35.21
CA GLU A 41 -26.74 8.84 35.02
C GLU A 41 -26.13 7.56 35.58
N THR A 42 -26.98 6.60 35.93
CA THR A 42 -26.56 5.28 36.37
C THR A 42 -26.78 4.26 35.27
N PRO A 43 -25.83 3.36 35.03
CA PRO A 43 -25.94 2.45 33.89
C PRO A 43 -27.00 1.38 34.07
N ARG A 44 -27.43 0.80 32.95
CA ARG A 44 -28.46 -0.23 32.91
C ARG A 44 -28.04 -1.29 31.90
N VAL A 45 -28.15 -2.57 32.28
CA VAL A 45 -27.63 -3.68 31.50
C VAL A 45 -28.63 -4.82 31.39
N GLU A 46 -28.41 -5.68 30.39
CA GLU A 46 -29.19 -6.91 30.19
C GLU A 46 -28.24 -8.08 29.95
N GLU A 47 -28.81 -9.29 29.88
CA GLU A 47 -28.05 -10.53 29.81
C GLU A 47 -28.45 -11.34 28.58
N VAL A 48 -27.50 -12.15 28.10
CA VAL A 48 -27.68 -12.97 26.90
C VAL A 48 -27.34 -14.43 27.23
N GLY A 49 -28.05 -15.35 26.58
CA GLY A 49 -28.00 -16.76 26.90
C GLY A 49 -26.67 -17.43 26.64
N PRO A 50 -26.65 -18.76 26.75
CA PRO A 50 -25.39 -19.51 26.74
C PRO A 50 -24.88 -19.80 25.34
N TYR A 51 -23.66 -20.34 25.29
CA TYR A 51 -23.02 -20.75 24.04
C TYR A 51 -22.13 -21.95 24.37
N THR A 52 -22.66 -23.15 24.16
CA THR A 52 -22.02 -24.36 24.68
C THR A 52 -20.87 -24.82 23.81
N TYR A 53 -19.80 -25.32 24.44
CA TYR A 53 -18.65 -25.88 23.69
C TYR A 53 -18.28 -27.23 24.29
N ARG A 54 -17.68 -28.13 23.50
CA ARG A 54 -17.21 -29.43 24.04
C ARG A 54 -15.69 -29.49 23.88
N GLU A 55 -14.97 -30.04 24.86
CA GLU A 55 -13.49 -30.02 24.79
C GLU A 55 -12.91 -31.43 24.91
N LEU A 56 -11.68 -31.63 24.43
CA LEU A 56 -11.00 -32.95 24.54
C LEU A 56 -9.57 -32.70 25.02
N ARG A 57 -8.99 -33.60 25.81
CA ARG A 57 -7.63 -33.35 26.38
C ARG A 57 -6.77 -34.62 26.37
N ASN A 58 -5.45 -34.46 26.23
CA ASN A 58 -4.52 -35.62 26.25
C ASN A 58 -3.18 -35.17 26.82
N LYS A 59 -2.47 -36.07 27.53
CA LYS A 59 -1.14 -35.74 28.11
C LYS A 59 -0.05 -36.28 27.18
N ALA A 60 1.04 -35.54 27.00
CA ALA A 60 2.11 -35.95 26.05
C ALA A 60 3.49 -35.62 26.61
N ASN A 61 4.54 -35.89 25.83
CA ASN A 61 5.94 -35.61 26.28
C ASN A 61 6.18 -36.30 27.62
N ILE A 62 5.86 -37.60 27.71
CA ILE A 62 5.99 -38.34 28.99
C ILE A 62 7.44 -38.80 29.17
N GLN A 63 7.87 -39.05 30.41
CA GLN A 63 9.22 -39.51 30.71
C GLN A 63 9.32 -39.85 32.19
N PHE A 64 10.07 -40.94 32.47
CA PHE A 64 10.23 -41.43 33.87
C PHE A 64 11.61 -41.04 34.39
N GLY A 65 11.77 -40.97 35.71
CA GLY A 65 13.11 -40.69 36.29
C GLY A 65 13.15 -40.84 37.80
N ASP A 66 14.32 -40.58 38.40
CA ASP A 66 14.46 -40.63 39.88
C ASP A 66 14.02 -42.00 40.41
N ASN A 67 14.45 -43.08 39.76
CA ASN A 67 14.15 -44.45 40.27
C ASN A 67 12.65 -44.55 40.56
N GLY A 68 11.81 -44.12 39.62
CA GLY A 68 10.35 -44.23 39.79
C GLY A 68 9.84 -43.45 40.99
N THR A 69 10.40 -42.26 41.23
CA THR A 69 9.87 -41.39 42.32
C THR A 69 9.46 -40.04 41.74
N THR A 70 9.49 -39.88 40.41
CA THR A 70 9.16 -38.57 39.78
C THR A 70 8.66 -38.77 38.34
N ILE A 71 7.92 -37.80 37.79
CA ILE A 71 7.45 -37.88 36.37
C ILE A 71 7.24 -36.45 35.84
N SER A 72 7.17 -36.27 34.51
CA SER A 72 6.98 -34.97 33.89
C SER A 72 6.21 -35.11 32.59
N ALA A 73 5.33 -34.14 32.30
CA ALA A 73 4.51 -34.19 31.07
C ALA A 73 3.86 -32.82 30.82
N VAL A 74 3.08 -32.71 29.73
CA VAL A 74 2.33 -31.45 29.40
C VAL A 74 0.97 -31.86 28.83
N SER A 75 -0.03 -30.96 28.88
CA SER A 75 -1.39 -31.32 28.42
C SER A 75 -1.89 -30.35 27.34
N ASN A 76 -2.49 -30.88 26.27
CA ASN A 76 -3.02 -30.02 25.17
C ASN A 76 -4.53 -30.24 25.05
N LYS A 77 -5.30 -29.17 24.87
CA LYS A 77 -6.79 -29.29 24.82
C LYS A 77 -7.34 -28.68 23.53
N ALA A 78 -8.40 -29.28 22.97
CA ALA A 78 -9.02 -28.76 21.72
C ALA A 78 -10.51 -28.50 21.96
N TYR A 79 -11.09 -27.50 21.30
CA TYR A 79 -12.50 -27.13 21.59
C TYR A 79 -13.37 -27.28 20.33
N VAL A 80 -14.64 -27.67 20.50
CA VAL A 80 -15.56 -27.88 19.38
C VAL A 80 -16.91 -27.29 19.75
N PHE A 81 -17.69 -26.91 18.73
CA PHE A 81 -18.98 -26.26 18.91
C PHE A 81 -20.11 -27.28 18.92
N GLU A 82 -21.29 -26.83 19.35
CA GLU A 82 -22.48 -27.68 19.40
C GLU A 82 -23.70 -26.82 19.16
N ARG A 83 -24.35 -27.00 18.00
CA ARG A 83 -25.38 -26.07 17.56
C ARG A 83 -26.68 -26.19 18.33
N ASP A 84 -27.14 -27.43 18.58
CA ASP A 84 -28.48 -27.59 19.13
C ASP A 84 -28.59 -27.03 20.55
N GLN A 85 -27.49 -27.04 21.31
CA GLN A 85 -27.53 -26.57 22.69
C GLN A 85 -27.57 -25.05 22.76
N SER A 86 -26.83 -24.36 21.89
CA SER A 86 -26.68 -22.92 22.00
C SER A 86 -27.97 -22.21 21.65
N VAL A 87 -28.04 -20.93 22.04
CA VAL A 87 -29.23 -20.14 21.77
C VAL A 87 -29.26 -19.65 20.32
N GLY A 88 -28.10 -19.29 19.77
CA GLY A 88 -28.05 -18.81 18.40
C GLY A 88 -26.68 -18.97 17.78
N ASP A 89 -26.62 -18.64 16.51
CA ASP A 89 -25.37 -18.76 15.76
C ASP A 89 -24.40 -17.66 16.16
N PRO A 90 -23.17 -17.99 16.58
CA PRO A 90 -22.26 -16.94 17.07
C PRO A 90 -21.83 -15.95 16.01
N LYS A 91 -21.72 -16.38 14.75
CA LYS A 91 -21.11 -15.51 13.74
C LYS A 91 -22.00 -14.33 13.35
N ILE A 92 -23.29 -14.38 13.70
CA ILE A 92 -24.22 -13.34 13.27
C ILE A 92 -24.92 -12.72 14.48
N ASP A 93 -24.22 -12.61 15.60
CA ASP A 93 -24.74 -11.93 16.79
C ASP A 93 -23.83 -10.77 17.16
N LEU A 94 -24.43 -9.68 17.65
CA LEU A 94 -23.70 -8.44 17.93
C LEU A 94 -23.81 -8.08 19.41
N ILE A 95 -22.71 -7.54 19.95
CA ILE A 95 -22.60 -7.14 21.34
C ILE A 95 -21.92 -5.77 21.41
N ARG A 96 -22.43 -4.91 22.27
CA ARG A 96 -21.91 -3.56 22.46
C ARG A 96 -21.28 -3.41 23.84
N THR A 97 -20.02 -2.99 23.88
CA THR A 97 -19.26 -2.89 25.14
C THR A 97 -18.28 -1.73 25.04
N LEU A 98 -17.30 -1.72 25.95
CA LEU A 98 -16.32 -0.66 26.06
C LEU A 98 -15.16 -0.86 25.07
N ASN A 99 -14.15 -0.01 25.19
CA ASN A 99 -12.97 -0.05 24.33
C ASN A 99 -11.75 -0.27 25.22
N ILE A 100 -11.21 -1.49 25.21
CA ILE A 100 -10.13 -1.88 26.10
C ILE A 100 -8.75 -1.42 25.62
N PRO A 101 -8.37 -1.60 24.35
CA PRO A 101 -7.02 -1.20 23.94
C PRO A 101 -6.70 0.27 24.15
N VAL A 102 -7.69 1.16 23.98
CA VAL A 102 -7.46 2.57 24.26
C VAL A 102 -7.11 2.78 25.72
N LEU A 103 -7.84 2.12 26.63
CA LEU A 103 -7.53 2.23 28.05
C LEU A 103 -6.16 1.67 28.36
N THR A 104 -5.78 0.57 27.71
CA THR A 104 -4.45 -0.01 27.96
C THR A 104 -3.34 0.96 27.53
N VAL A 105 -3.47 1.54 26.34
CA VAL A 105 -2.42 2.47 25.89
C VAL A 105 -2.42 3.75 26.70
N ILE A 106 -3.55 4.09 27.32
CA ILE A 106 -3.54 5.30 28.21
C ILE A 106 -2.72 5.02 29.47
N GLU A 107 -2.82 3.82 30.04
CA GLU A 107 -2.11 3.48 31.31
C GLU A 107 -0.59 3.58 31.12
N TRP A 108 -0.05 3.14 29.99
CA TRP A 108 1.42 3.14 29.79
C TRP A 108 1.97 4.56 29.84
N SER A 109 1.25 5.54 29.26
CA SER A 109 1.74 6.94 29.22
C SER A 109 1.92 7.44 30.65
N GLN A 110 1.00 7.06 31.56
CA GLN A 110 1.07 7.51 32.97
C GLN A 110 2.35 6.97 33.63
N VAL A 111 2.75 5.74 33.28
CA VAL A 111 3.95 5.11 33.91
C VAL A 111 5.19 5.49 33.10
N HIS A 112 5.10 6.52 32.25
CA HIS A 112 6.26 7.00 31.46
C HIS A 112 6.75 5.92 30.50
N PHE A 113 5.85 5.36 29.70
CA PHE A 113 6.27 4.37 28.66
C PHE A 113 5.88 4.92 27.28
N LEU A 114 6.86 5.17 26.41
CA LEU A 114 6.58 5.74 25.07
C LEU A 114 5.60 6.91 25.24
N ARG A 115 5.95 7.89 26.07
CA ARG A 115 4.99 8.99 26.37
C ARG A 115 4.68 9.81 25.10
N GLU A 116 5.70 10.20 24.33
CA GLU A 116 5.47 11.10 23.17
C GLU A 116 4.68 10.40 22.06
N ILE A 117 5.08 9.20 21.64
CA ILE A 117 4.41 8.53 20.48
C ILE A 117 2.92 8.33 20.80
N ILE A 118 2.60 7.81 21.99
CA ILE A 118 1.18 7.51 22.32
C ILE A 118 0.37 8.81 22.29
N GLU A 119 0.91 9.88 22.86
CA GLU A 119 0.16 11.17 22.95
C GLU A 119 -0.04 11.76 21.56
N ALA A 120 0.98 11.66 20.70
CA ALA A 120 0.90 12.24 19.34
C ALA A 120 -0.14 11.47 18.52
N MET A 121 -0.13 10.14 18.58
CA MET A 121 -1.05 9.39 17.72
C MET A 121 -2.50 9.68 18.05
N LEU A 122 -2.82 9.87 19.33
CA LEU A 122 -4.21 9.96 19.76
C LEU A 122 -4.88 11.25 19.34
N LYS A 123 -4.13 12.18 18.75
CA LYS A 123 -4.71 13.48 18.30
C LYS A 123 -4.98 13.43 16.79
N ALA A 124 -4.04 12.90 16.01
CA ALA A 124 -4.21 12.80 14.54
C ALA A 124 -5.41 11.90 14.21
N TYR A 125 -5.53 10.76 14.91
CA TYR A 125 -6.68 9.86 14.69
C TYR A 125 -7.55 9.86 15.94
N GLN A 126 -8.78 10.37 15.84
CA GLN A 126 -9.69 10.45 17.02
C GLN A 126 -10.28 9.07 17.30
N GLN A 127 -10.67 8.79 18.56
CA GLN A 127 -11.21 7.46 18.93
C GLN A 127 -12.47 7.63 19.80
N LYS A 128 -13.26 6.56 19.97
CA LYS A 128 -14.52 6.61 20.75
C LYS A 128 -14.48 5.56 21.88
N LEU A 129 -15.41 5.62 22.83
CA LEU A 129 -15.36 4.69 24.00
C LEU A 129 -16.28 3.48 23.84
N PHE A 130 -17.47 3.63 23.25
CA PHE A 130 -18.39 2.50 23.16
C PHE A 130 -18.37 1.93 21.76
N VAL A 131 -18.21 0.61 21.65
CA VAL A 131 -18.08 -0.05 20.35
C VAL A 131 -19.01 -1.25 20.26
N THR A 132 -19.24 -1.69 19.02
CA THR A 132 -20.09 -2.84 18.71
C THR A 132 -19.29 -3.84 17.88
N HIS A 133 -19.34 -5.11 18.28
CA HIS A 133 -18.63 -6.16 17.56
C HIS A 133 -19.50 -7.42 17.56
N THR A 134 -18.91 -8.54 17.16
CA THR A 134 -19.60 -9.82 17.17
C THR A 134 -18.97 -10.74 18.20
N VAL A 135 -19.71 -11.81 18.54
CA VAL A 135 -19.26 -12.72 19.60
C VAL A 135 -17.98 -13.45 19.18
N ASP A 136 -17.92 -13.91 17.93
CA ASP A 136 -16.76 -14.67 17.47
C ASP A 136 -15.49 -13.83 17.51
N GLU A 137 -15.54 -12.63 16.94
CA GLU A 137 -14.36 -11.77 16.90
C GLU A 137 -13.90 -11.39 18.29
N LEU A 138 -14.85 -11.04 19.16
CA LEU A 138 -14.50 -10.64 20.52
C LEU A 138 -13.90 -11.80 21.29
N LEU A 139 -14.42 -13.01 21.08
CA LEU A 139 -13.99 -14.15 21.89
C LEU A 139 -12.66 -14.71 21.42
N TRP A 140 -12.41 -14.74 20.11
CA TRP A 140 -11.22 -15.43 19.59
C TRP A 140 -10.15 -14.47 19.05
N GLY A 141 -10.51 -13.43 18.31
CA GLY A 141 -9.51 -12.44 17.92
C GLY A 141 -9.99 -11.53 16.82
N TYR A 142 -9.34 -10.37 16.74
CA TYR A 142 -9.58 -9.40 15.67
C TYR A 142 -8.42 -8.41 15.65
N LYS A 143 -8.41 -7.56 14.63
CA LYS A 143 -7.28 -6.67 14.35
C LYS A 143 -7.66 -5.24 14.68
N ASP A 144 -6.81 -4.56 15.46
CA ASP A 144 -7.04 -3.18 15.86
C ASP A 144 -6.34 -2.23 14.89
N GLU A 145 -6.40 -0.93 15.20
CA GLU A 145 -5.80 0.08 14.34
C GLU A 145 -4.71 0.90 15.01
N ILE A 146 -4.85 1.23 16.29
CA ILE A 146 -3.78 1.95 16.99
C ILE A 146 -2.57 1.03 17.18
N LEU A 147 -2.81 -0.22 17.57
CA LEU A 147 -1.71 -1.16 17.73
C LEU A 147 -0.98 -1.39 16.42
N SER A 148 -1.68 -1.35 15.29
CA SER A 148 -1.03 -1.47 14.00
C SER A 148 -0.06 -0.33 13.76
N LEU A 149 -0.42 0.88 14.19
CA LEU A 149 0.45 2.04 13.98
C LEU A 149 1.64 2.01 14.93
N ILE A 150 1.43 1.57 16.17
CA ILE A 150 2.56 1.47 17.11
C ILE A 150 3.49 0.33 16.74
N HIS A 151 2.99 -0.71 16.06
CA HIS A 151 3.84 -1.84 15.68
C HIS A 151 4.99 -1.41 14.77
N VAL A 152 4.82 -0.32 14.03
CA VAL A 152 5.87 0.12 13.08
C VAL A 152 7.16 0.44 13.84
N PHE A 153 7.10 1.38 14.79
CA PHE A 153 8.33 1.81 15.52
C PHE A 153 8.85 0.71 16.44
N ARG A 154 7.98 0.10 17.25
CA ARG A 154 8.39 -1.00 18.17
C ARG A 154 7.92 -2.33 17.58
N PRO A 155 8.79 -3.19 17.02
CA PRO A 155 8.35 -4.42 16.35
C PRO A 155 8.07 -5.56 17.31
N ASP A 156 7.92 -5.26 18.59
CA ASP A 156 7.66 -6.29 19.60
C ASP A 156 6.22 -6.24 20.12
N ILE A 157 5.33 -5.56 19.40
CA ILE A 157 3.94 -5.38 19.81
C ILE A 157 3.04 -6.10 18.82
N SER A 158 2.19 -6.98 19.34
CA SER A 158 1.28 -7.74 18.50
C SER A 158 0.10 -6.88 18.08
N PRO A 159 -0.30 -6.89 16.81
CA PRO A 159 -1.43 -6.05 16.38
C PRO A 159 -2.79 -6.71 16.50
N TYR A 160 -2.88 -7.81 17.26
CA TYR A 160 -4.15 -8.53 17.45
C TYR A 160 -4.52 -8.55 18.92
N PHE A 161 -5.81 -8.57 19.20
CA PHE A 161 -6.34 -8.59 20.56
C PHE A 161 -7.46 -9.63 20.66
N GLY A 162 -7.55 -10.28 21.81
CA GLY A 162 -8.60 -11.25 22.04
C GLY A 162 -8.58 -11.76 23.47
N LEU A 163 -9.77 -12.06 24.00
CA LEU A 163 -9.87 -12.56 25.36
C LEU A 163 -9.20 -13.92 25.51
N PHE A 164 -9.44 -14.83 24.56
CA PHE A 164 -8.78 -16.14 24.52
C PHE A 164 -8.06 -16.25 23.20
N TYR A 165 -6.81 -15.75 23.16
CA TYR A 165 -6.04 -15.75 21.89
C TYR A 165 -4.99 -16.87 21.93
N GLU A 166 -4.87 -17.64 20.85
CA GLU A 166 -3.87 -18.74 20.77
C GLU A 166 -4.09 -19.72 21.93
N LYS A 167 -5.36 -20.01 22.26
CA LYS A 167 -5.66 -20.92 23.39
C LYS A 167 -6.36 -22.17 22.88
N ASN A 168 -6.30 -22.43 21.57
CA ASN A 168 -6.89 -23.67 21.00
C ASN A 168 -5.73 -24.62 20.66
N GLY A 169 -5.78 -25.87 21.15
CA GLY A 169 -4.69 -26.83 20.91
C GLY A 169 -3.35 -26.35 21.44
N THR A 170 -3.32 -25.76 22.64
CA THR A 170 -2.06 -25.21 23.20
C THR A 170 -1.87 -25.67 24.65
N ASN A 171 -0.64 -26.05 25.03
CA ASN A 171 -0.34 -26.48 26.43
C ASN A 171 -0.07 -25.27 27.33
N ASP A 172 -0.02 -25.49 28.65
CA ASP A 172 0.28 -24.39 29.60
C ASP A 172 1.79 -24.34 29.86
N GLY A 173 2.37 -25.35 30.44
CA GLY A 173 3.77 -25.39 30.78
C GLY A 173 4.14 -26.72 31.41
N ASP A 174 5.42 -26.82 31.76
CA ASP A 174 5.95 -28.06 32.33
C ASP A 174 5.45 -28.25 33.76
N TYR A 175 5.48 -29.50 34.22
CA TYR A 175 5.09 -29.85 35.57
C TYR A 175 5.88 -31.08 36.02
N VAL A 176 5.95 -31.26 37.33
CA VAL A 176 6.65 -32.38 37.95
C VAL A 176 5.74 -32.99 39.02
N PHE A 177 5.62 -34.32 39.02
CA PHE A 177 4.74 -35.01 39.95
C PHE A 177 5.51 -36.13 40.66
N LEU A 178 5.07 -36.43 41.88
CA LEU A 178 5.66 -37.49 42.69
C LEU A 178 4.83 -38.76 42.57
N THR A 179 5.51 -39.89 42.32
CA THR A 179 4.81 -41.15 42.11
C THR A 179 4.06 -41.60 43.35
N GLY A 180 4.70 -41.50 44.51
CA GLY A 180 4.10 -41.94 45.75
C GLY A 180 4.52 -43.31 46.23
N GLU A 181 5.57 -43.89 45.66
CA GLU A 181 6.05 -45.20 46.13
C GLU A 181 6.53 -45.14 47.56
N ASP A 182 7.22 -44.06 47.93
CA ASP A 182 7.79 -43.97 49.27
C ASP A 182 6.72 -43.97 50.35
N SER A 183 5.65 -43.18 50.13
CA SER A 183 4.53 -43.09 51.10
C SER A 183 3.19 -42.86 50.39
N TYR A 184 2.10 -43.40 50.93
CA TYR A 184 0.77 -43.30 50.25
C TYR A 184 0.22 -41.87 50.24
N LEU A 185 0.45 -41.10 51.30
CA LEU A 185 -0.19 -39.75 51.38
C LEU A 185 0.25 -38.87 50.20
N ASN A 186 1.53 -38.92 49.81
CA ASN A 186 2.02 -38.04 48.73
C ASN A 186 1.67 -38.66 47.36
N PHE A 187 0.42 -38.50 46.92
CA PHE A 187 -0.01 -39.03 45.61
C PHE A 187 -0.36 -37.86 44.69
N THR A 188 0.23 -37.83 43.48
CA THR A 188 -0.07 -36.75 42.50
C THR A 188 0.04 -35.39 43.18
N LYS A 189 1.23 -35.03 43.67
CA LYS A 189 1.45 -33.71 44.33
C LYS A 189 2.41 -32.88 43.49
N ILE A 190 2.01 -31.65 43.14
CA ILE A 190 2.89 -30.76 42.32
C ILE A 190 4.06 -30.31 43.19
N VAL A 191 5.28 -30.40 42.67
CA VAL A 191 6.49 -30.04 43.46
C VAL A 191 7.30 -28.96 42.73
N GLU A 192 7.55 -29.14 41.42
CA GLU A 192 8.41 -28.18 40.69
C GLU A 192 7.69 -27.62 39.46
N TRP A 193 7.76 -26.30 39.25
CA TRP A 193 7.17 -25.70 38.03
C TRP A 193 8.23 -24.81 37.37
N ASN A 194 8.53 -25.04 36.09
CA ASN A 194 9.51 -24.20 35.34
C ASN A 194 10.71 -23.91 36.22
N GLY A 195 11.29 -24.93 36.85
CA GLY A 195 12.48 -24.75 37.69
C GLY A 195 12.33 -23.65 38.72
N LYS A 196 11.14 -23.52 39.29
CA LYS A 196 10.86 -22.50 40.30
C LYS A 196 10.18 -23.16 41.50
N THR A 197 10.61 -22.77 42.70
CA THR A 197 10.03 -23.34 43.91
C THR A 197 8.79 -22.58 44.36
N SER A 198 8.78 -21.26 44.16
CA SER A 198 7.66 -20.43 44.59
C SER A 198 7.54 -19.21 43.68
N LEU A 199 6.38 -18.56 43.75
CA LEU A 199 6.12 -17.38 42.95
C LEU A 199 6.88 -16.17 43.51
N ASP A 200 6.90 -15.07 42.74
CA ASP A 200 7.68 -13.88 43.18
C ASP A 200 6.83 -12.61 43.13
N TRP A 201 5.57 -12.70 42.66
CA TRP A 201 4.72 -11.49 42.51
C TRP A 201 4.37 -10.87 43.88
N TRP A 202 4.10 -11.70 44.88
CA TRP A 202 3.67 -11.18 46.21
C TRP A 202 4.86 -10.64 47.02
N ILE A 203 4.58 -9.90 48.10
CA ILE A 203 5.67 -9.29 48.93
C ILE A 203 6.02 -10.23 50.09
N THR A 204 5.02 -10.77 50.79
CA THR A 204 5.28 -11.65 51.96
C THR A 204 5.86 -12.99 51.51
N ASP A 205 6.81 -13.54 52.27
CA ASP A 205 7.43 -14.84 51.92
C ASP A 205 6.40 -15.98 52.03
N LYS A 206 5.52 -15.91 53.04
CA LYS A 206 4.55 -17.03 53.26
C LYS A 206 3.44 -16.97 52.21
N CYS A 207 3.12 -15.79 51.69
CA CYS A 207 1.97 -15.70 50.74
C CYS A 207 2.31 -16.37 49.41
N ASN A 208 3.52 -16.17 48.89
CA ASN A 208 3.85 -16.71 47.54
C ASN A 208 4.41 -18.15 47.64
N MET A 209 3.56 -19.14 47.91
CA MET A 209 4.02 -20.56 47.89
C MET A 209 2.95 -21.42 47.21
N ILE A 210 3.36 -22.34 46.33
CA ILE A 210 2.38 -23.25 45.67
C ILE A 210 1.88 -24.26 46.72
N ASN A 211 0.58 -24.57 46.70
CA ASN A 211 0.00 -25.47 47.74
C ASN A 211 -0.97 -26.48 47.12
N GLY A 212 -1.03 -27.70 47.66
CA GLY A 212 -2.05 -28.68 47.21
C GLY A 212 -1.76 -29.34 45.87
N THR A 213 -2.77 -30.04 45.33
CA THR A 213 -2.64 -30.77 44.04
C THR A 213 -3.35 -29.99 42.92
N ASP A 214 -3.36 -30.54 41.71
CA ASP A 214 -4.01 -29.87 40.55
C ASP A 214 -5.51 -29.71 40.80
N GLY A 215 -6.19 -30.79 41.22
CA GLY A 215 -7.62 -30.73 41.40
C GLY A 215 -8.42 -31.77 40.65
N ASP A 216 -7.74 -32.62 39.89
CA ASP A 216 -8.43 -33.66 39.08
C ASP A 216 -8.36 -34.99 39.83
N SER A 217 -7.34 -35.17 40.68
CA SER A 217 -7.18 -36.43 41.46
C SER A 217 -6.92 -36.10 42.93
N PHE A 218 -7.36 -36.96 43.84
CA PHE A 218 -7.13 -36.73 45.29
C PHE A 218 -6.53 -37.99 45.93
N HIS A 219 -6.00 -37.87 47.16
CA HIS A 219 -5.32 -39.03 47.80
C HIS A 219 -6.34 -40.15 48.00
N PRO A 220 -5.91 -41.43 48.05
CA PRO A 220 -6.85 -42.55 48.14
C PRO A 220 -7.75 -42.52 49.38
N LEU A 221 -7.20 -42.17 50.55
CA LEU A 221 -8.01 -42.20 51.79
C LEU A 221 -8.58 -40.81 52.09
N ILE A 222 -9.90 -40.68 52.24
CA ILE A 222 -10.52 -39.38 52.63
C ILE A 222 -11.07 -39.54 54.05
N THR A 223 -11.31 -38.44 54.76
CA THR A 223 -11.80 -38.49 56.17
C THR A 223 -12.95 -37.51 56.37
N LYS A 224 -13.70 -37.64 57.47
CA LYS A 224 -14.90 -36.77 57.70
C LYS A 224 -14.48 -35.30 57.81
N ASP A 225 -13.41 -35.00 58.56
CA ASP A 225 -13.04 -33.58 58.77
C ASP A 225 -11.59 -33.34 58.32
N GLU A 226 -11.38 -32.48 57.32
CA GLU A 226 -10.02 -32.16 56.83
C GLU A 226 -10.08 -30.90 55.95
N VAL A 227 -8.94 -30.26 55.69
CA VAL A 227 -8.90 -29.10 54.75
C VAL A 227 -8.09 -29.50 53.51
N LEU A 228 -8.63 -29.24 52.31
CA LEU A 228 -7.95 -29.69 51.07
C LEU A 228 -7.41 -28.47 50.29
N TYR A 229 -6.09 -28.34 50.19
CA TYR A 229 -5.45 -27.21 49.45
C TYR A 229 -5.50 -27.50 47.95
N VAL A 230 -5.67 -26.45 47.13
CA VAL A 230 -5.70 -26.61 45.65
C VAL A 230 -4.93 -25.45 45.01
N PHE A 231 -4.47 -25.63 43.76
CA PHE A 231 -3.77 -24.56 43.04
C PHE A 231 -4.45 -24.35 41.70
N PRO A 232 -5.21 -23.26 41.53
CA PRO A 232 -5.80 -22.97 40.21
C PRO A 232 -4.92 -22.05 39.39
N SER A 233 -4.93 -22.28 38.08
CA SER A 233 -4.04 -21.55 37.19
C SER A 233 -4.59 -20.21 36.73
N ASP A 234 -5.92 -20.07 36.63
CA ASP A 234 -6.51 -18.79 36.24
C ASP A 234 -6.20 -17.71 37.26
N PHE A 235 -6.32 -18.03 38.54
CA PHE A 235 -5.88 -17.14 39.60
C PHE A 235 -4.37 -17.22 39.74
N CYS A 236 -3.81 -16.31 40.54
CA CYS A 236 -2.38 -16.30 40.83
C CYS A 236 -2.10 -16.57 42.30
N ARG A 237 -2.87 -17.48 42.91
CA ARG A 237 -2.70 -17.81 44.35
C ARG A 237 -3.08 -19.26 44.62
N SER A 238 -3.17 -19.65 45.90
CA SER A 238 -3.58 -21.04 46.28
C SER A 238 -4.77 -20.98 47.23
N VAL A 239 -5.73 -21.90 47.10
CA VAL A 239 -6.98 -21.83 47.92
C VAL A 239 -7.17 -23.11 48.73
N TYR A 240 -8.25 -23.20 49.52
CA TYR A 240 -8.54 -24.39 50.31
C TYR A 240 -10.04 -24.57 50.44
N ILE A 241 -10.44 -25.84 50.63
CA ILE A 241 -11.84 -26.24 50.70
C ILE A 241 -12.04 -27.09 51.95
N THR A 242 -13.26 -27.02 52.51
CA THR A 242 -13.63 -27.70 53.74
C THR A 242 -14.87 -28.57 53.52
N PHE A 243 -15.23 -29.32 54.56
CA PHE A 243 -16.26 -30.34 54.46
C PHE A 243 -17.63 -29.77 54.83
N SER A 244 -18.64 -30.10 54.02
CA SER A 244 -19.98 -29.55 54.16
C SER A 244 -21.02 -30.58 54.61
N ASP A 245 -21.18 -31.69 53.88
CA ASP A 245 -22.23 -32.65 54.21
C ASP A 245 -22.04 -33.95 53.42
N TYR A 246 -22.61 -35.02 53.95
CA TYR A 246 -22.65 -36.29 53.24
C TYR A 246 -23.68 -36.25 52.13
N GLU A 247 -23.56 -37.18 51.19
CA GLU A 247 -24.48 -37.26 50.06
C GLU A 247 -24.49 -38.69 49.54
N SER A 248 -25.59 -39.07 48.90
CA SER A 248 -25.70 -40.38 48.26
C SER A 248 -26.22 -40.19 46.83
N VAL A 249 -25.58 -40.86 45.88
CA VAL A 249 -25.95 -40.72 44.48
C VAL A 249 -25.65 -42.03 43.75
N GLN A 250 -26.65 -42.52 43.00
CA GLN A 250 -26.53 -43.74 42.19
C GLN A 250 -26.09 -44.94 43.02
N GLY A 251 -26.54 -44.99 44.27
CA GLY A 251 -26.18 -46.09 45.16
C GLY A 251 -24.80 -46.00 45.76
N LEU A 252 -24.11 -44.86 45.62
CA LEU A 252 -22.79 -44.69 46.18
C LEU A 252 -22.76 -43.49 47.12
N PRO A 253 -22.18 -43.64 48.31
CA PRO A 253 -22.01 -42.48 49.19
C PRO A 253 -20.83 -41.62 48.78
N ALA A 254 -20.87 -40.36 49.22
CA ALA A 254 -19.83 -39.40 48.88
C ALA A 254 -19.88 -38.24 49.86
N PHE A 255 -18.83 -37.43 49.86
CA PHE A 255 -18.73 -36.25 50.70
C PHE A 255 -18.72 -35.01 49.82
N ARG A 256 -19.40 -33.96 50.26
CA ARG A 256 -19.49 -32.72 49.51
C ARG A 256 -18.66 -31.64 50.19
N TYR A 257 -17.78 -30.99 49.42
CA TYR A 257 -16.92 -29.95 49.93
C TYR A 257 -17.27 -28.64 49.23
N LYS A 258 -17.36 -27.56 49.99
CA LYS A 258 -17.79 -26.27 49.51
C LYS A 258 -16.76 -25.20 49.85
N VAL A 259 -16.69 -24.17 49.00
CA VAL A 259 -15.76 -23.06 49.18
C VAL A 259 -16.16 -22.32 50.45
N PRO A 260 -15.19 -21.76 51.24
CA PRO A 260 -15.50 -21.07 52.49
C PRO A 260 -15.97 -19.64 52.24
N ALA A 261 -16.27 -18.90 53.32
CA ALA A 261 -16.78 -17.51 53.18
C ALA A 261 -15.70 -16.50 53.59
N GLU A 262 -14.51 -16.98 53.95
CA GLU A 262 -13.43 -16.07 54.44
C GLU A 262 -12.28 -16.03 53.43
N ILE A 263 -12.49 -16.57 52.23
CA ILE A 263 -11.43 -16.60 51.19
C ILE A 263 -10.98 -15.16 50.91
N LEU A 264 -11.92 -14.26 50.59
CA LEU A 264 -11.59 -12.84 50.32
C LEU A 264 -12.28 -11.94 51.34
N ALA A 265 -11.52 -11.41 52.31
CA ALA A 265 -12.09 -10.53 53.36
C ALA A 265 -11.07 -9.46 53.77
N ASN A 266 -11.54 -8.34 54.33
CA ASN A 266 -10.63 -7.26 54.79
C ASN A 266 -10.13 -7.61 56.18
N THR A 267 -9.23 -8.60 56.29
CA THR A 267 -8.74 -9.06 57.61
C THR A 267 -7.22 -9.24 57.55
N SER A 268 -6.60 -9.56 58.69
CA SER A 268 -5.12 -9.71 58.74
C SER A 268 -4.67 -10.83 57.81
N ASP A 269 -3.47 -10.70 57.22
CA ASP A 269 -2.90 -11.74 56.31
C ASP A 269 -3.54 -11.61 54.92
N ASN A 270 -4.31 -10.55 54.68
CA ASN A 270 -4.88 -10.33 53.33
C ASN A 270 -4.18 -9.10 52.73
N ALA A 271 -3.16 -8.59 53.42
CA ALA A 271 -2.48 -7.32 53.04
C ALA A 271 -1.53 -7.59 51.87
N GLY A 272 -0.81 -8.70 51.92
CA GLY A 272 0.15 -9.03 50.84
C GLY A 272 -0.53 -8.98 49.50
N PHE A 273 -1.86 -9.06 49.49
CA PHE A 273 -2.63 -9.10 48.22
C PHE A 273 -3.00 -7.67 47.82
N CYS A 274 -2.55 -6.68 48.60
CA CYS A 274 -2.81 -5.25 48.26
C CYS A 274 -1.49 -4.60 47.86
N ILE A 275 -1.44 -4.03 46.65
CA ILE A 275 -0.18 -3.40 46.14
C ILE A 275 -0.51 -1.95 45.75
N PRO A 276 0.45 -1.00 45.71
CA PRO A 276 1.84 -1.26 46.13
C PRO A 276 2.07 -0.94 47.61
N GLU A 277 1.02 -0.91 48.42
CA GLU A 277 1.16 -0.69 49.88
C GLU A 277 -0.04 -1.29 50.59
N GLY A 278 -0.14 -1.15 51.91
CA GLY A 278 -1.22 -1.79 52.68
C GLY A 278 -2.61 -1.39 52.19
N ASN A 279 -2.80 -0.13 51.83
CA ASN A 279 -4.13 0.35 51.34
C ASN A 279 -4.71 -0.65 50.32
N CYS A 280 -5.94 -1.10 50.53
CA CYS A 280 -6.61 -2.06 49.60
C CYS A 280 -7.86 -1.41 48.97
N LEU A 281 -8.45 -2.06 47.97
CA LEU A 281 -9.61 -1.44 47.27
C LEU A 281 -10.89 -1.71 48.05
N GLY A 282 -11.17 -2.97 48.38
CA GLY A 282 -12.43 -3.32 49.06
C GLY A 282 -12.46 -4.77 49.48
N SER A 283 -13.63 -5.27 49.88
CA SER A 283 -13.76 -6.70 50.27
C SER A 283 -14.58 -7.47 49.23
N GLY A 284 -14.00 -8.52 48.64
CA GLY A 284 -14.71 -9.34 47.64
C GLY A 284 -14.15 -9.17 46.24
N VAL A 285 -13.06 -8.42 46.08
CA VAL A 285 -12.47 -8.12 44.74
C VAL A 285 -10.95 -8.30 44.81
N LEU A 286 -10.30 -8.66 43.70
CA LEU A 286 -8.83 -8.87 43.68
C LEU A 286 -8.20 -8.12 42.50
N ASN A 287 -7.04 -7.50 42.71
CA ASN A 287 -6.32 -6.77 41.63
C ASN A 287 -5.33 -7.75 41.00
N VAL A 288 -5.48 -8.04 39.69
CA VAL A 288 -4.62 -9.07 39.03
C VAL A 288 -3.90 -8.42 37.83
N SER A 289 -3.74 -7.10 37.86
CA SER A 289 -3.11 -6.37 36.72
C SER A 289 -1.73 -6.98 36.40
N ILE A 290 -0.96 -7.32 37.43
CA ILE A 290 0.42 -7.86 37.21
C ILE A 290 0.33 -9.11 36.32
N CYS A 291 -0.52 -10.08 36.69
CA CYS A 291 -0.60 -11.32 35.92
C CYS A 291 -1.10 -11.10 34.49
N LYS A 292 -1.71 -9.94 34.20
CA LYS A 292 -2.29 -9.67 32.90
C LYS A 292 -1.44 -8.72 32.04
N ASN A 293 -0.28 -8.31 32.54
CA ASN A 293 0.66 -7.48 31.78
C ASN A 293 0.04 -6.12 31.38
N GLY A 294 -0.33 -5.34 32.39
CA GLY A 294 -0.69 -3.95 32.22
C GLY A 294 -2.17 -3.68 32.03
N ALA A 295 -2.98 -4.69 31.80
CA ALA A 295 -4.40 -4.43 31.61
C ALA A 295 -5.12 -4.38 32.96
N PRO A 296 -5.91 -3.34 33.22
CA PRO A 296 -6.64 -3.26 34.49
C PRO A 296 -7.82 -4.22 34.55
N ILE A 297 -7.68 -5.29 35.32
CA ILE A 297 -8.68 -6.35 35.41
C ILE A 297 -8.98 -6.64 36.88
N ILE A 298 -10.25 -6.90 37.19
CA ILE A 298 -10.68 -7.26 38.53
C ILE A 298 -11.49 -8.56 38.45
N MET A 299 -11.27 -9.45 39.41
CA MET A 299 -11.92 -10.76 39.43
C MET A 299 -12.75 -10.92 40.69
N SER A 300 -13.93 -11.54 40.54
CA SER A 300 -14.82 -11.77 41.67
C SER A 300 -15.83 -12.84 41.28
N PHE A 301 -16.69 -13.19 42.24
CA PHE A 301 -17.75 -14.18 42.04
C PHE A 301 -18.89 -13.59 41.22
N PRO A 302 -19.69 -14.43 40.57
CA PRO A 302 -20.78 -13.93 39.72
C PRO A 302 -21.77 -13.07 40.48
N HIS A 303 -22.23 -12.00 39.82
CA HIS A 303 -23.26 -11.11 40.36
C HIS A 303 -22.84 -10.50 41.70
N PHE A 304 -21.54 -10.26 41.86
CA PHE A 304 -20.99 -9.62 43.06
C PHE A 304 -21.42 -10.36 44.33
N TYR A 305 -21.40 -11.69 44.26
CA TYR A 305 -21.80 -12.51 45.39
C TYR A 305 -20.76 -12.42 46.50
N GLN A 306 -21.25 -12.35 47.74
CA GLN A 306 -20.39 -12.39 48.94
C GLN A 306 -19.46 -11.18 49.01
N ALA A 307 -20.06 -9.98 48.95
CA ALA A 307 -19.29 -8.75 49.00
C ALA A 307 -20.13 -7.66 49.64
N ASP A 308 -19.58 -6.45 49.70
CA ASP A 308 -20.25 -5.34 50.34
C ASP A 308 -21.40 -4.82 49.48
N GLU A 309 -22.29 -4.05 50.11
CA GLU A 309 -23.49 -3.58 49.44
C GLU A 309 -23.22 -2.44 48.46
N ARG A 310 -22.08 -1.74 48.61
CA ARG A 310 -21.80 -0.61 47.74
C ARG A 310 -21.62 -1.07 46.29
N PHE A 311 -20.99 -2.22 46.07
CA PHE A 311 -20.85 -2.73 44.71
C PHE A 311 -22.20 -3.04 44.08
N VAL A 312 -23.12 -3.65 44.84
CA VAL A 312 -24.42 -4.00 44.29
C VAL A 312 -25.24 -2.75 44.01
N SER A 313 -25.13 -1.74 44.88
CA SER A 313 -25.96 -0.55 44.74
C SER A 313 -25.47 0.38 43.63
N ALA A 314 -24.38 0.11 42.92
CA ALA A 314 -24.02 1.05 41.83
C ALA A 314 -24.75 0.73 40.52
N ILE A 315 -24.30 -0.27 39.76
CA ILE A 315 -24.91 -0.63 38.45
C ILE A 315 -26.28 -1.28 38.69
N GLU A 316 -27.35 -0.82 38.04
CA GLU A 316 -28.65 -1.52 38.17
C GLU A 316 -28.65 -2.74 37.26
N GLY A 317 -29.70 -3.58 37.31
CA GLY A 317 -29.70 -4.84 36.54
C GLY A 317 -29.04 -6.00 37.27
N MET A 318 -28.47 -5.78 38.47
CA MET A 318 -27.71 -6.84 39.17
C MET A 318 -28.47 -7.35 40.40
N HIS A 319 -28.83 -8.64 40.44
CA HIS A 319 -29.55 -9.28 41.57
C HIS A 319 -28.87 -10.61 41.91
N PRO A 320 -28.22 -10.78 43.14
CA PRO A 320 -27.45 -11.98 43.44
C PRO A 320 -28.34 -13.11 43.97
N ASN A 321 -27.76 -14.31 43.99
CA ASN A 321 -28.46 -15.49 44.49
C ASN A 321 -27.42 -16.51 44.92
N GLN A 322 -27.85 -17.46 45.75
CA GLN A 322 -26.95 -18.44 46.35
C GLN A 322 -26.92 -19.77 45.61
N GLU A 323 -28.10 -20.29 45.23
CA GLU A 323 -28.15 -21.62 44.63
C GLU A 323 -27.40 -21.68 43.30
N ASP A 324 -27.55 -20.63 42.49
CA ASP A 324 -26.93 -20.63 41.13
C ASP A 324 -25.50 -20.06 41.18
N HIS A 325 -25.09 -19.51 42.32
CA HIS A 325 -23.73 -18.89 42.43
C HIS A 325 -22.97 -19.52 43.58
N GLU A 326 -22.21 -20.59 43.31
CA GLU A 326 -21.49 -21.28 44.38
C GLU A 326 -20.52 -22.26 43.73
N THR A 327 -19.83 -23.04 44.56
CA THR A 327 -18.90 -24.07 44.11
C THR A 327 -19.00 -25.27 45.04
N PHE A 328 -19.13 -26.46 44.47
CA PHE A 328 -19.20 -27.69 45.25
C PHE A 328 -18.44 -28.78 44.53
N VAL A 329 -17.87 -29.70 45.31
CA VAL A 329 -17.11 -30.83 44.78
C VAL A 329 -17.50 -32.09 45.54
N ASP A 330 -17.77 -33.17 44.81
CA ASP A 330 -18.10 -34.46 45.42
C ASP A 330 -16.91 -35.40 45.35
N ILE A 331 -16.61 -36.06 46.47
CA ILE A 331 -15.45 -36.94 46.57
C ILE A 331 -15.88 -38.29 47.14
N ASN A 332 -15.37 -39.36 46.54
CA ASN A 332 -15.60 -40.70 47.05
C ASN A 332 -14.59 -41.02 48.15
N PRO A 333 -15.02 -41.37 49.36
CA PRO A 333 -14.05 -41.59 50.45
C PRO A 333 -13.07 -42.73 50.19
N LEU A 334 -13.50 -43.79 49.52
CA LEU A 334 -12.68 -45.00 49.45
C LEU A 334 -11.48 -44.81 48.53
N THR A 335 -11.70 -44.25 47.34
CA THR A 335 -10.66 -44.20 46.31
C THR A 335 -10.25 -42.79 45.92
N GLY A 336 -11.18 -41.85 45.85
CA GLY A 336 -10.84 -40.49 45.49
C GLY A 336 -11.10 -40.15 44.04
N ILE A 337 -12.29 -40.49 43.55
CA ILE A 337 -12.70 -40.22 42.18
C ILE A 337 -13.79 -39.16 42.20
N ILE A 338 -13.63 -38.14 41.36
CA ILE A 338 -14.57 -37.01 41.32
C ILE A 338 -15.82 -37.42 40.55
N LEU A 339 -16.99 -37.12 41.11
CA LEU A 339 -18.26 -37.42 40.45
C LEU A 339 -19.00 -36.19 39.95
N LYS A 340 -19.06 -35.11 40.73
CA LYS A 340 -19.85 -33.95 40.30
C LYS A 340 -19.08 -32.68 40.68
N ALA A 341 -19.04 -31.68 39.80
CA ALA A 341 -18.25 -30.47 40.10
C ALA A 341 -18.77 -29.26 39.33
N ALA A 342 -18.51 -28.04 39.81
CA ALA A 342 -18.91 -26.80 39.09
C ALA A 342 -18.02 -25.64 39.53
N LYS A 343 -17.48 -24.87 38.57
CA LYS A 343 -16.66 -23.67 38.89
C LYS A 343 -17.35 -22.43 38.32
N ARG A 344 -17.17 -21.26 38.95
CA ARG A 344 -17.75 -20.00 38.43
C ARG A 344 -16.77 -18.83 38.64
N PHE A 345 -16.69 -17.90 37.68
CA PHE A 345 -15.77 -16.74 37.77
C PHE A 345 -16.42 -15.52 37.10
N GLN A 346 -15.74 -14.37 37.09
CA GLN A 346 -16.27 -13.16 36.39
C GLN A 346 -15.09 -12.23 36.06
N ILE A 347 -15.22 -11.40 35.02
CA ILE A 347 -14.15 -10.43 34.64
C ILE A 347 -14.71 -9.01 34.73
N ASN A 348 -14.04 -8.11 35.46
CA ASN A 348 -14.53 -6.72 35.66
C ASN A 348 -13.45 -5.72 35.24
N ILE A 349 -13.83 -4.48 34.91
CA ILE A 349 -12.85 -3.43 34.48
C ILE A 349 -13.12 -2.15 35.29
N TYR A 350 -12.08 -1.35 35.58
CA TYR A 350 -12.23 -0.13 36.42
C TYR A 350 -12.14 1.16 35.57
N VAL A 351 -13.07 2.10 35.78
CA VAL A 351 -13.12 3.36 34.97
C VAL A 351 -12.98 4.58 35.90
N LYS A 352 -12.53 5.73 35.38
CA LYS A 352 -12.29 6.94 36.21
C LYS A 352 -12.35 8.18 35.32
N LYS A 353 -12.27 9.39 35.90
CA LYS A 353 -12.37 10.66 35.11
C LYS A 353 -10.98 11.27 34.89
N LEU A 354 -10.53 11.32 33.64
CA LEU A 354 -9.22 11.87 33.30
C LEU A 354 -9.37 13.30 32.81
N ASP A 355 -8.28 14.07 32.95
CA ASP A 355 -8.30 15.50 32.70
C ASP A 355 -7.74 15.84 31.32
N ASP A 356 -6.51 15.41 31.04
CA ASP A 356 -5.87 15.78 29.77
C ASP A 356 -6.61 15.18 28.58
N PHE A 357 -7.01 13.93 28.69
CA PHE A 357 -7.70 13.25 27.59
C PHE A 357 -9.20 13.56 27.65
N VAL A 358 -9.75 13.97 26.50
CA VAL A 358 -11.12 14.44 26.41
C VAL A 358 -12.13 13.31 26.21
N GLU A 359 -11.69 12.18 25.65
CA GLU A 359 -12.59 11.08 25.33
C GLU A 359 -13.33 10.56 26.57
N THR A 360 -12.74 10.74 27.76
CA THR A 360 -13.35 10.19 28.97
C THR A 360 -14.66 10.90 29.30
N GLY A 361 -14.75 12.20 29.06
CA GLY A 361 -15.95 12.92 29.42
C GLY A 361 -16.01 13.20 30.90
N ASP A 362 -17.20 13.09 31.48
CA ASP A 362 -17.42 13.28 32.91
C ASP A 362 -18.19 12.07 33.45
N ILE A 363 -17.47 11.01 33.78
CA ILE A 363 -18.07 9.75 34.23
C ILE A 363 -17.55 9.43 35.62
N ARG A 364 -18.47 9.11 36.53
CA ARG A 364 -18.11 8.85 37.91
C ARG A 364 -17.29 7.55 38.01
N THR A 365 -16.54 7.44 39.09
CA THR A 365 -15.72 6.26 39.31
C THR A 365 -16.60 5.08 39.72
N MET A 366 -16.37 3.93 39.09
CA MET A 366 -17.10 2.71 39.41
C MET A 366 -16.35 1.52 38.86
N VAL A 367 -16.99 0.35 38.94
CA VAL A 367 -16.46 -0.90 38.41
C VAL A 367 -17.49 -1.47 37.44
N PHE A 368 -17.06 -1.80 36.22
CA PHE A 368 -17.90 -2.34 35.17
C PHE A 368 -17.72 -3.84 35.01
N PRO A 369 -18.81 -4.59 34.84
CA PRO A 369 -18.70 -6.02 34.53
C PRO A 369 -18.68 -6.28 33.03
N VAL A 370 -18.24 -7.49 32.67
CA VAL A 370 -18.14 -7.87 31.22
C VAL A 370 -18.82 -9.24 30.99
N MET A 371 -18.29 -10.33 31.57
CA MET A 371 -18.85 -11.69 31.28
C MET A 371 -18.54 -12.69 32.40
N TYR A 372 -19.24 -13.83 32.43
CA TYR A 372 -18.97 -14.90 33.43
C TYR A 372 -19.08 -16.27 32.74
N LEU A 373 -18.45 -17.32 33.30
CA LEU A 373 -18.44 -18.64 32.61
C LEU A 373 -18.86 -19.78 33.56
N ASN A 374 -18.98 -21.00 33.03
CA ASN A 374 -19.44 -22.17 33.83
C ASN A 374 -18.65 -23.41 33.39
N GLU A 375 -18.34 -24.32 34.31
CA GLU A 375 -17.66 -25.59 33.95
C GLU A 375 -18.37 -26.73 34.68
N SER A 376 -18.42 -27.94 34.11
CA SER A 376 -19.23 -29.00 34.77
C SER A 376 -18.80 -30.41 34.38
N VAL A 377 -19.09 -31.40 35.24
CA VAL A 377 -18.77 -32.84 34.95
C VAL A 377 -19.85 -33.68 35.63
N HIS A 378 -20.40 -34.67 34.92
CA HIS A 378 -21.43 -35.57 35.52
C HIS A 378 -21.08 -37.03 35.19
N ILE A 379 -21.61 -37.97 35.98
CA ILE A 379 -21.24 -39.40 35.80
C ILE A 379 -22.31 -40.11 34.95
N ASP A 380 -21.91 -41.18 34.26
CA ASP A 380 -22.85 -41.97 33.46
C ASP A 380 -23.00 -43.36 34.06
N LYS A 381 -23.94 -44.13 33.50
CA LYS A 381 -24.32 -45.38 34.14
C LYS A 381 -23.29 -46.49 33.89
N GLU A 382 -22.70 -46.54 32.70
CA GLU A 382 -21.79 -47.64 32.37
C GLU A 382 -20.56 -47.63 33.27
N THR A 383 -19.96 -46.45 33.45
CA THR A 383 -18.79 -46.35 34.31
C THR A 383 -19.13 -46.71 35.75
N ALA A 384 -20.30 -46.26 36.22
CA ALA A 384 -20.70 -46.56 37.59
C ALA A 384 -20.88 -48.06 37.79
N SER A 385 -21.54 -48.73 36.84
CA SER A 385 -21.75 -50.17 36.96
C SER A 385 -20.43 -50.92 36.89
N ARG A 386 -19.51 -50.49 36.02
CA ARG A 386 -18.22 -51.16 35.94
C ARG A 386 -17.39 -50.93 37.20
N LEU A 387 -17.50 -49.75 37.81
CA LEU A 387 -16.73 -49.45 39.01
C LEU A 387 -17.28 -50.18 40.22
N LYS A 388 -18.60 -50.40 40.27
CA LYS A 388 -19.21 -51.05 41.43
C LYS A 388 -18.61 -52.42 41.71
N SER A 389 -18.17 -53.13 40.66
CA SER A 389 -17.59 -54.45 40.87
C SER A 389 -16.30 -54.38 41.67
N MET A 390 -15.44 -53.40 41.37
CA MET A 390 -14.16 -53.27 42.04
C MET A 390 -14.20 -52.31 43.23
N ILE A 391 -15.35 -51.71 43.51
CA ILE A 391 -15.47 -50.78 44.64
C ILE A 391 -16.55 -51.27 45.61
N ALA B 1 -4.47 -12.23 -18.26
CA ALA B 1 -5.05 -11.08 -17.59
C ALA B 1 -6.23 -11.48 -16.74
N ARG B 2 -6.61 -10.62 -15.79
CA ARG B 2 -7.72 -10.89 -14.91
C ARG B 2 -8.67 -9.68 -14.89
N PRO B 3 -9.98 -9.92 -14.92
CA PRO B 3 -10.94 -8.82 -14.99
C PRO B 3 -11.10 -8.12 -13.65
N CYS B 4 -11.84 -7.02 -13.68
CA CYS B 4 -12.05 -6.17 -12.53
C CYS B 4 -13.41 -6.45 -11.88
N ILE B 5 -13.51 -6.11 -10.61
CA ILE B 5 -14.71 -6.32 -9.79
C ILE B 5 -15.28 -4.95 -9.43
N PRO B 6 -16.41 -4.55 -9.98
CA PRO B 6 -16.97 -3.22 -9.72
C PRO B 6 -17.78 -3.16 -8.42
N LYS B 7 -18.02 -1.93 -7.98
CA LYS B 7 -18.84 -1.66 -6.80
C LYS B 7 -19.25 -0.19 -6.79
N SER B 8 -20.53 0.09 -6.53
CA SER B 8 -21.09 1.43 -6.66
C SER B 8 -21.40 2.01 -5.28
N PHE B 9 -20.93 3.22 -5.03
CA PHE B 9 -21.14 3.92 -3.76
C PHE B 9 -22.24 4.98 -3.84
N GLY B 10 -22.88 5.15 -5.00
CA GLY B 10 -23.97 6.11 -5.12
C GLY B 10 -23.65 7.32 -5.97
N TYR B 11 -22.70 7.18 -6.89
CA TYR B 11 -22.30 8.29 -7.76
C TYR B 11 -22.36 7.87 -9.22
N SER B 12 -21.81 8.73 -10.11
CA SER B 12 -21.97 8.50 -11.54
C SER B 12 -21.24 7.25 -12.01
N SER B 13 -20.04 7.00 -11.49
CA SER B 13 -19.22 5.87 -11.94
C SER B 13 -19.01 4.89 -10.80
N VAL B 14 -18.18 3.86 -11.06
CA VAL B 14 -17.92 2.80 -10.11
C VAL B 14 -16.43 2.71 -9.84
N VAL B 15 -16.08 2.02 -8.76
CA VAL B 15 -14.69 1.80 -8.36
C VAL B 15 -14.40 0.30 -8.35
N CYS B 16 -13.12 -0.04 -8.28
CA CYS B 16 -12.68 -1.42 -8.29
C CYS B 16 -12.13 -1.80 -6.93
N VAL B 17 -12.40 -3.04 -6.50
CA VAL B 17 -12.08 -3.51 -5.16
C VAL B 17 -10.98 -4.56 -5.26
N CYS B 18 -9.89 -4.34 -4.50
CA CYS B 18 -8.73 -5.28 -4.54
C CYS B 18 -8.38 -5.70 -3.11
N ASN B 19 -8.29 -7.01 -2.86
CA ASN B 19 -7.88 -7.47 -1.51
C ASN B 19 -6.79 -8.52 -1.67
N ALA B 20 -6.17 -8.92 -0.56
CA ALA B 20 -5.11 -9.96 -0.59
C ALA B 20 -5.49 -11.13 -1.50
N THR B 21 -4.54 -11.66 -2.28
CA THR B 21 -4.76 -12.79 -3.18
C THR B 21 -5.67 -12.46 -4.37
N TYR B 22 -5.88 -11.21 -4.73
CA TYR B 22 -6.57 -10.88 -5.97
C TYR B 22 -6.26 -9.45 -6.38
N CYS B 23 -6.26 -9.22 -7.70
CA CYS B 23 -6.03 -7.91 -8.29
C CYS B 23 -6.27 -8.02 -9.79
N ASP B 24 -6.24 -6.87 -10.47
CA ASP B 24 -6.35 -6.83 -11.92
C ASP B 24 -4.99 -6.58 -12.56
N SER B 25 -4.85 -7.00 -13.81
CA SER B 25 -3.56 -6.95 -14.49
C SER B 25 -3.75 -6.60 -15.96
N PHE B 26 -2.67 -6.13 -16.58
CA PHE B 26 -2.64 -5.79 -17.99
C PHE B 26 -1.58 -6.63 -18.70
N ASP B 27 -1.35 -6.32 -19.97
CA ASP B 27 -0.37 -6.98 -20.81
C ASP B 27 0.48 -5.94 -21.52
N PRO B 28 1.71 -6.29 -21.91
CA PRO B 28 2.56 -5.31 -22.59
C PRO B 28 1.96 -4.90 -23.91
N PRO B 29 2.21 -3.66 -24.36
CA PRO B 29 1.63 -3.20 -25.63
C PRO B 29 2.13 -4.02 -26.81
N THR B 30 1.24 -4.21 -27.79
CA THR B 30 1.49 -5.05 -28.94
C THR B 30 1.39 -4.24 -30.23
N PHE B 31 2.34 -4.47 -31.14
CA PHE B 31 2.33 -3.84 -32.45
C PHE B 31 2.01 -4.90 -33.51
N PRO B 32 0.90 -4.80 -34.21
CA PRO B 32 0.57 -5.80 -35.24
C PRO B 32 1.40 -5.58 -36.50
N ALA B 33 1.31 -6.56 -37.39
CA ALA B 33 2.05 -6.51 -38.65
C ALA B 33 1.52 -5.38 -39.53
N LEU B 34 2.16 -5.18 -40.67
CA LEU B 34 1.78 -4.10 -41.56
C LEU B 34 0.39 -4.32 -42.13
N GLY B 35 -0.36 -3.22 -42.27
CA GLY B 35 -1.69 -3.26 -42.81
C GLY B 35 -2.82 -3.14 -41.81
N THR B 36 -2.53 -3.23 -40.51
CA THR B 36 -3.55 -3.19 -39.48
C THR B 36 -3.20 -2.16 -38.41
N PHE B 37 -4.21 -1.80 -37.62
CA PHE B 37 -4.05 -0.83 -36.54
C PHE B 37 -4.80 -1.32 -35.31
N SER B 38 -4.39 -0.82 -34.14
CA SER B 38 -4.96 -1.26 -32.87
C SER B 38 -5.51 -0.07 -32.09
N ARG B 39 -6.55 -0.34 -31.30
CA ARG B 39 -7.29 0.69 -30.59
C ARG B 39 -7.59 0.26 -29.17
N TYR B 40 -7.38 1.19 -28.22
CA TYR B 40 -7.73 0.99 -26.82
C TYR B 40 -8.78 2.01 -26.42
N GLU B 41 -9.84 1.55 -25.75
CA GLU B 41 -11.00 2.37 -25.45
C GLU B 41 -11.32 2.37 -23.97
N SER B 42 -11.73 3.54 -23.45
CA SER B 42 -12.30 3.63 -22.11
C SER B 42 -13.48 4.58 -22.13
N THR B 43 -14.45 4.35 -21.25
CA THR B 43 -15.67 5.15 -21.21
C THR B 43 -16.26 5.09 -19.81
N ARG B 44 -17.49 5.61 -19.66
CA ARG B 44 -18.13 5.75 -18.36
C ARG B 44 -19.02 4.57 -18.01
N SER B 45 -19.62 3.90 -19.00
CA SER B 45 -20.55 2.82 -18.73
C SER B 45 -19.91 1.64 -18.00
N GLY B 46 -18.59 1.49 -18.06
CA GLY B 46 -17.95 0.43 -17.31
C GLY B 46 -16.78 -0.26 -17.98
N ARG B 47 -16.47 0.10 -19.23
CA ARG B 47 -15.32 -0.49 -19.90
C ARG B 47 -14.04 0.15 -19.39
N ARG B 48 -13.00 -0.67 -19.20
CA ARG B 48 -11.69 -0.21 -18.74
C ARG B 48 -10.62 -0.83 -19.60
N MET B 49 -10.02 -0.02 -20.49
CA MET B 49 -8.92 -0.45 -21.35
C MET B 49 -9.30 -1.66 -22.20
N GLU B 50 -10.27 -1.49 -23.09
CA GLU B 50 -10.65 -2.59 -23.96
C GLU B 50 -9.93 -2.46 -25.30
N LEU B 51 -9.46 -3.61 -25.81
CA LEU B 51 -8.55 -3.67 -26.95
C LEU B 51 -9.26 -4.23 -28.19
N SER B 52 -9.01 -3.60 -29.34
CA SER B 52 -9.59 -4.07 -30.60
C SER B 52 -8.62 -3.77 -31.74
N MET B 53 -8.87 -4.38 -32.90
CA MET B 53 -8.00 -4.27 -34.06
C MET B 53 -8.83 -4.01 -35.31
N GLY B 54 -8.14 -3.64 -36.41
CA GLY B 54 -8.85 -3.43 -37.69
C GLY B 54 -7.91 -3.18 -38.87
N PRO B 55 -8.44 -3.03 -40.11
CA PRO B 55 -7.61 -2.82 -41.30
C PRO B 55 -7.42 -1.35 -41.70
N ILE B 56 -6.51 -1.06 -42.64
CA ILE B 56 -6.31 0.33 -43.16
C ILE B 56 -6.73 0.37 -44.65
N GLN B 57 -7.79 1.12 -44.99
CA GLN B 57 -8.31 1.13 -46.39
C GLN B 57 -7.33 1.78 -47.37
N ALA B 58 -7.64 1.75 -48.68
CA ALA B 58 -6.70 2.27 -49.70
C ALA B 58 -7.14 3.66 -50.21
N ASN B 59 -8.40 3.82 -50.61
CA ASN B 59 -8.87 5.18 -51.02
C ASN B 59 -10.25 5.49 -50.43
N HIS B 60 -10.48 6.75 -50.03
CA HIS B 60 -11.75 7.14 -49.37
C HIS B 60 -12.35 8.34 -50.10
N THR B 61 -13.65 8.28 -50.43
CA THR B 61 -14.30 9.37 -51.22
C THR B 61 -15.33 10.13 -50.39
N GLY B 62 -15.48 9.80 -49.11
CA GLY B 62 -16.51 10.44 -48.25
C GLY B 62 -16.11 11.83 -47.79
N THR B 63 -17.08 12.65 -47.37
CA THR B 63 -16.80 14.03 -46.89
C THR B 63 -17.08 14.13 -45.39
N GLY B 64 -16.29 14.91 -44.64
CA GLY B 64 -16.47 15.04 -43.18
C GLY B 64 -15.20 15.60 -42.54
N LEU B 65 -15.09 15.56 -41.22
CA LEU B 65 -13.85 16.01 -40.57
C LEU B 65 -12.70 15.14 -41.05
N LEU B 66 -11.59 15.73 -41.47
CA LEU B 66 -10.40 14.93 -41.84
C LEU B 66 -9.19 15.55 -41.14
N LEU B 67 -8.45 14.75 -40.35
CA LEU B 67 -7.30 15.30 -39.61
C LEU B 67 -6.03 14.94 -40.39
N THR B 68 -5.40 15.92 -41.03
CA THR B 68 -4.22 15.64 -41.88
C THR B 68 -2.95 15.68 -41.04
N LEU B 69 -2.10 14.66 -41.16
CA LEU B 69 -0.90 14.54 -40.35
C LEU B 69 0.31 14.95 -41.16
N GLN B 70 1.08 15.91 -40.64
CA GLN B 70 2.26 16.42 -41.34
C GLN B 70 3.52 16.04 -40.59
N PRO B 71 4.31 15.08 -41.08
CA PRO B 71 5.48 14.62 -40.32
C PRO B 71 6.73 15.44 -40.56
N GLU B 72 6.59 16.64 -41.13
CA GLU B 72 7.73 17.48 -41.48
C GLU B 72 7.97 18.62 -40.51
N GLN B 73 7.33 18.61 -39.35
CA GLN B 73 7.58 19.57 -38.29
C GLN B 73 8.10 18.82 -37.07
N LYS B 74 8.95 19.45 -36.28
CA LYS B 74 9.64 18.74 -35.20
C LYS B 74 9.25 19.16 -33.81
N PHE B 75 9.12 20.46 -33.53
CA PHE B 75 8.61 20.98 -32.26
C PHE B 75 9.50 20.48 -31.11
N GLN B 76 8.95 19.95 -30.02
CA GLN B 76 9.64 19.73 -28.76
C GLN B 76 9.91 18.24 -28.53
N LYS B 77 10.41 17.93 -27.34
CA LYS B 77 10.67 16.55 -26.90
C LYS B 77 10.15 16.38 -25.48
N VAL B 78 9.82 15.13 -25.13
CA VAL B 78 9.10 14.82 -23.89
C VAL B 78 10.06 14.20 -22.88
N LYS B 79 9.84 14.54 -21.60
CA LYS B 79 10.72 14.11 -20.52
C LYS B 79 10.15 12.95 -19.71
N GLY B 80 8.97 13.13 -19.11
CA GLY B 80 8.37 12.06 -18.34
C GLY B 80 7.32 12.56 -17.38
N PHE B 81 6.67 11.59 -16.72
CA PHE B 81 5.59 11.81 -15.78
C PHE B 81 5.93 11.13 -14.46
N GLY B 82 5.45 11.69 -13.35
CA GLY B 82 5.80 11.15 -12.05
C GLY B 82 4.87 11.60 -10.95
N GLY B 83 5.28 11.33 -9.71
CA GLY B 83 4.49 11.67 -8.54
C GLY B 83 5.39 11.99 -7.36
N ALA B 84 4.76 12.44 -6.28
CA ALA B 84 5.48 12.90 -5.10
C ALA B 84 5.12 12.09 -3.86
N MET B 85 6.07 11.99 -2.94
CA MET B 85 5.96 11.15 -1.76
C MET B 85 6.15 11.97 -0.49
N THR B 86 5.28 11.76 0.50
CA THR B 86 5.33 12.49 1.76
C THR B 86 5.34 11.54 2.95
N ASP B 87 5.14 12.07 4.15
CA ASP B 87 5.10 11.23 5.35
C ASP B 87 3.77 10.48 5.46
N ALA B 88 2.67 11.14 5.08
CA ALA B 88 1.36 10.51 5.22
C ALA B 88 1.24 9.26 4.38
N ALA B 89 1.73 9.30 3.13
CA ALA B 89 1.67 8.12 2.28
C ALA B 89 2.52 6.98 2.84
N ALA B 90 3.73 7.30 3.33
CA ALA B 90 4.59 6.28 3.89
C ALA B 90 3.99 5.66 5.15
N LEU B 91 3.27 6.45 5.95
CA LEU B 91 2.61 5.88 7.11
C LEU B 91 1.38 5.07 6.74
N ASN B 92 0.64 5.46 5.71
CA ASN B 92 -0.56 4.75 5.34
C ASN B 92 -0.30 3.49 4.53
N ILE B 93 0.89 3.36 3.94
CA ILE B 93 1.21 2.16 3.17
C ILE B 93 1.72 1.03 4.08
N LEU B 94 2.56 1.37 5.06
CA LEU B 94 3.25 0.35 5.86
C LEU B 94 2.34 -0.35 6.85
N ALA B 95 1.11 0.11 7.05
CA ALA B 95 0.20 -0.52 8.01
C ALA B 95 -0.72 -1.53 7.32
N LEU B 96 -0.09 -2.53 6.68
CA LEU B 96 -0.81 -3.55 5.93
C LEU B 96 0.01 -4.82 5.91
N SER B 97 -0.63 -5.93 5.55
CA SER B 97 0.06 -7.20 5.47
C SER B 97 1.06 -7.18 4.30
N PRO B 98 2.14 -7.95 4.39
CA PRO B 98 3.23 -7.84 3.39
C PRO B 98 2.76 -8.09 1.96
N PRO B 99 1.90 -9.08 1.68
CA PRO B 99 1.43 -9.23 0.30
C PRO B 99 0.68 -8.01 -0.21
N ALA B 100 -0.16 -7.40 0.64
CA ALA B 100 -0.85 -6.18 0.23
C ALA B 100 0.14 -5.05 0.02
N GLN B 101 1.24 -5.05 0.76
CA GLN B 101 2.29 -4.06 0.52
C GLN B 101 2.95 -4.27 -0.85
N ASN B 102 3.20 -5.52 -1.22
CA ASN B 102 3.85 -5.79 -2.50
C ASN B 102 2.94 -5.44 -3.67
N LEU B 103 1.64 -5.70 -3.53
CA LEU B 103 0.72 -5.46 -4.64
C LEU B 103 0.66 -3.97 -5.00
N LEU B 104 0.64 -3.11 -3.98
CA LEU B 104 0.62 -1.67 -4.24
C LEU B 104 1.84 -1.22 -5.01
N LEU B 105 3.02 -1.69 -4.61
CA LEU B 105 4.24 -1.30 -5.30
C LEU B 105 4.28 -1.85 -6.73
N LYS B 106 3.77 -3.07 -6.92
CA LYS B 106 3.75 -3.63 -8.28
C LYS B 106 2.73 -2.96 -9.17
N SER B 107 1.74 -2.28 -8.58
CA SER B 107 0.73 -1.62 -9.40
C SER B 107 1.25 -0.36 -10.06
N TYR B 108 2.26 0.29 -9.49
CA TYR B 108 2.72 1.60 -9.98
C TYR B 108 3.95 1.54 -10.88
N PHE B 109 4.85 0.58 -10.68
CA PHE B 109 6.15 0.61 -11.32
C PHE B 109 6.39 -0.52 -12.32
N SER B 110 5.93 -1.73 -12.02
CA SER B 110 6.21 -2.86 -12.90
C SER B 110 5.40 -2.74 -14.20
N GLU B 111 5.84 -3.49 -15.21
CA GLU B 111 5.22 -3.39 -16.53
C GLU B 111 3.78 -3.88 -16.54
N GLU B 112 3.35 -4.60 -15.51
CA GLU B 112 1.95 -5.01 -15.41
C GLU B 112 1.03 -3.84 -15.10
N GLY B 113 1.58 -2.70 -14.69
CA GLY B 113 0.79 -1.50 -14.49
C GLY B 113 1.32 -0.34 -15.30
N ILE B 114 0.84 0.87 -15.01
CA ILE B 114 1.36 2.04 -15.71
C ILE B 114 2.81 2.26 -15.32
N GLY B 115 3.52 3.03 -16.14
CA GLY B 115 4.94 3.30 -15.92
C GLY B 115 5.14 4.70 -15.35
N TYR B 116 5.91 4.77 -14.26
CA TYR B 116 6.25 6.03 -13.64
C TYR B 116 7.75 6.29 -13.75
N ASN B 117 8.14 7.56 -13.69
CA ASN B 117 9.50 7.97 -13.98
C ASN B 117 10.17 8.78 -12.89
N ILE B 118 9.46 9.71 -12.25
CA ILE B 118 10.08 10.67 -11.36
C ILE B 118 9.49 10.53 -9.95
N ILE B 119 10.32 10.86 -8.96
CA ILE B 119 9.91 10.93 -7.56
C ILE B 119 10.35 12.28 -7.01
N ARG B 120 9.59 12.82 -6.07
CA ARG B 120 9.90 14.08 -5.42
C ARG B 120 10.01 13.88 -3.92
N VAL B 121 11.08 14.39 -3.32
CA VAL B 121 11.41 14.17 -1.92
C VAL B 121 11.50 15.51 -1.22
N PRO B 122 10.56 15.86 -0.34
CA PRO B 122 10.67 17.13 0.41
C PRO B 122 11.83 17.07 1.39
N MET B 123 12.42 18.25 1.66
CA MET B 123 13.59 18.29 2.52
C MET B 123 13.25 17.92 3.95
N ALA B 124 12.28 18.61 4.55
CA ALA B 124 11.92 18.34 5.94
C ALA B 124 10.60 19.00 6.34
N SER B 125 9.76 18.27 7.07
CA SER B 125 8.60 18.81 7.77
C SER B 125 7.64 19.52 6.81
N CYS B 126 7.04 18.72 5.94
CA CYS B 126 6.00 19.21 5.05
C CYS B 126 4.72 19.49 5.86
N ASP B 127 3.66 19.87 5.15
CA ASP B 127 2.41 20.16 5.83
C ASP B 127 1.70 18.90 6.30
N PHE B 128 1.83 17.79 5.57
CA PHE B 128 1.16 16.53 5.93
C PHE B 128 2.06 15.74 6.88
N SER B 129 2.10 16.18 8.13
CA SER B 129 2.90 15.50 9.14
C SER B 129 2.27 15.70 10.52
N ILE B 130 2.60 14.80 11.43
CA ILE B 130 2.05 14.87 12.79
C ILE B 130 2.70 15.98 13.60
N ARG B 131 4.01 16.18 13.45
CA ARG B 131 4.72 17.18 14.24
C ARG B 131 5.58 18.08 13.37
N THR B 132 6.39 18.94 13.99
CA THR B 132 7.24 19.89 13.29
C THR B 132 8.67 19.78 13.81
N TYR B 133 9.63 19.64 12.90
CA TYR B 133 11.02 19.47 13.29
C TYR B 133 11.94 19.97 12.19
N THR B 134 13.20 20.21 12.55
CA THR B 134 14.24 20.63 11.62
C THR B 134 15.49 19.81 11.89
N TYR B 135 16.44 19.87 10.93
CA TYR B 135 17.64 19.06 11.05
C TYR B 135 18.62 19.63 12.05
N ALA B 136 18.62 20.95 12.25
CA ALA B 136 19.49 21.60 13.23
C ALA B 136 18.65 22.45 14.17
N ASP B 137 18.86 22.29 15.47
CA ASP B 137 18.06 23.01 16.45
C ASP B 137 18.86 23.56 17.62
N THR B 138 20.17 23.37 17.67
CA THR B 138 20.96 23.89 18.78
C THR B 138 21.23 25.37 18.56
N PRO B 139 20.84 26.25 19.48
CA PRO B 139 21.03 27.69 19.27
C PRO B 139 22.50 28.08 19.30
N ASP B 140 22.81 29.15 18.55
CA ASP B 140 24.11 29.79 18.57
C ASP B 140 25.23 28.83 18.18
N ASP B 141 25.21 28.39 16.92
CA ASP B 141 26.28 27.52 16.38
C ASP B 141 26.42 27.88 14.90
N PHE B 142 27.19 28.94 14.59
CA PHE B 142 27.26 29.42 13.18
C PHE B 142 27.78 28.29 12.29
N GLN B 143 28.86 27.62 12.71
CA GLN B 143 29.30 26.43 11.93
C GLN B 143 28.30 25.32 12.25
N LEU B 144 27.85 24.56 11.25
CA LEU B 144 26.79 23.55 11.53
C LEU B 144 27.45 22.31 12.15
N HIS B 145 27.92 22.43 13.39
CA HIS B 145 28.57 21.29 14.09
C HIS B 145 27.55 20.16 14.30
N ASN B 146 26.31 20.53 14.65
CA ASN B 146 25.27 19.51 14.90
C ASN B 146 24.31 19.43 13.71
N PHE B 147 24.34 18.31 12.99
CA PHE B 147 23.38 18.09 11.88
C PHE B 147 22.95 16.63 12.00
N SER B 148 21.65 16.37 12.20
CA SER B 148 21.20 14.98 12.43
C SER B 148 19.94 14.66 11.62
N LEU B 149 19.58 13.38 11.52
CA LEU B 149 18.36 12.96 10.78
C LEU B 149 17.41 12.26 11.76
N PRO B 150 16.07 12.44 11.67
CA PRO B 150 15.14 11.88 12.65
C PRO B 150 14.78 10.38 12.50
N GLU B 151 14.02 9.84 13.45
CA GLU B 151 13.59 8.41 13.40
C GLU B 151 12.73 8.21 12.15
N GLU B 152 11.94 9.22 11.76
CA GLU B 152 11.04 9.10 10.59
C GLU B 152 11.83 8.96 9.29
N ASP B 153 12.88 9.76 9.10
CA ASP B 153 13.64 9.75 7.82
C ASP B 153 14.34 8.42 7.60
N THR B 154 14.86 7.80 8.66
CA THR B 154 15.67 6.56 8.50
C THR B 154 14.83 5.28 8.57
N LYS B 155 13.53 5.36 8.81
CA LYS B 155 12.75 4.10 8.98
C LYS B 155 11.44 4.11 8.17
N LEU B 156 11.07 5.23 7.55
CA LEU B 156 9.75 5.27 6.88
C LEU B 156 9.88 5.73 5.42
N LYS B 157 11.06 6.20 4.99
CA LYS B 157 11.19 6.75 3.62
C LYS B 157 12.28 6.01 2.85
N ILE B 158 13.47 5.90 3.43
CA ILE B 158 14.60 5.27 2.75
C ILE B 158 14.31 3.83 2.35
N PRO B 159 13.76 2.96 3.23
CA PRO B 159 13.41 1.58 2.84
C PRO B 159 12.48 1.54 1.62
N LEU B 160 11.46 2.39 1.59
CA LEU B 160 10.51 2.39 0.48
C LEU B 160 11.16 2.85 -0.81
N ILE B 161 12.00 3.89 -0.73
CA ILE B 161 12.72 4.34 -1.93
C ILE B 161 13.64 3.24 -2.43
N HIS B 162 14.28 2.51 -1.51
CA HIS B 162 15.14 1.40 -1.91
C HIS B 162 14.35 0.29 -2.59
N ARG B 163 13.16 -0.02 -2.08
CA ARG B 163 12.37 -1.11 -2.63
C ARG B 163 11.74 -0.74 -3.97
N ALA B 164 11.48 0.54 -4.20
CA ALA B 164 10.81 0.94 -5.43
C ALA B 164 11.66 0.63 -6.67
N LEU B 165 12.97 0.82 -6.57
CA LEU B 165 13.85 0.66 -7.73
C LEU B 165 14.06 -0.79 -8.13
N GLN B 166 13.59 -1.76 -7.35
CA GLN B 166 13.82 -3.15 -7.69
C GLN B 166 12.79 -3.70 -8.66
N LEU B 167 11.61 -3.08 -8.75
CA LEU B 167 10.53 -3.55 -9.61
C LEU B 167 10.31 -2.63 -10.80
N ALA B 168 11.39 -2.10 -11.38
CA ALA B 168 11.31 -1.14 -12.47
C ALA B 168 12.22 -1.55 -13.60
N GLN B 169 11.85 -1.14 -14.82
CA GLN B 169 12.64 -1.39 -16.02
C GLN B 169 13.07 -0.12 -16.74
N ARG B 170 12.63 1.06 -16.29
CA ARG B 170 12.94 2.36 -16.83
C ARG B 170 13.79 3.17 -15.85
N PRO B 171 14.56 4.14 -16.31
CA PRO B 171 15.33 4.98 -15.39
C PRO B 171 14.41 5.74 -14.44
N VAL B 172 14.91 5.96 -13.22
CA VAL B 172 14.17 6.70 -12.20
C VAL B 172 15.01 7.88 -11.74
N SER B 173 14.42 9.06 -11.73
CA SER B 173 15.07 10.30 -11.34
C SER B 173 14.51 10.81 -10.02
N LEU B 174 15.22 11.74 -9.40
CA LEU B 174 14.86 12.25 -8.08
C LEU B 174 14.99 13.76 -8.05
N LEU B 175 14.29 14.37 -7.09
CA LEU B 175 14.20 15.83 -6.97
C LEU B 175 14.20 16.22 -5.49
N ALA B 176 14.34 17.51 -5.22
CA ALA B 176 14.33 18.01 -3.84
C ALA B 176 13.83 19.45 -3.83
N SER B 177 13.35 19.90 -2.66
CA SER B 177 12.82 21.25 -2.51
C SER B 177 12.73 21.64 -1.05
N PRO B 178 13.11 22.86 -0.67
CA PRO B 178 13.05 23.27 0.74
C PRO B 178 11.73 23.93 1.10
N TRP B 179 11.49 24.01 2.42
CA TRP B 179 10.28 24.62 2.95
C TRP B 179 10.56 25.86 3.80
N THR B 180 11.39 25.74 4.84
CA THR B 180 11.58 26.84 5.78
C THR B 180 12.99 26.76 6.37
N SER B 181 13.21 27.49 7.45
CA SER B 181 14.53 27.66 8.06
C SER B 181 14.41 27.56 9.57
N PRO B 182 15.51 27.26 10.26
CA PRO B 182 15.47 27.23 11.73
C PRO B 182 15.16 28.59 12.32
N THR B 183 14.64 28.57 13.54
CA THR B 183 14.10 29.78 14.15
C THR B 183 15.19 30.82 14.40
N TRP B 184 16.35 30.39 14.92
CA TRP B 184 17.39 31.35 15.28
C TRP B 184 17.99 32.03 14.05
N LEU B 185 18.02 31.33 12.91
CA LEU B 185 18.50 31.95 11.68
C LEU B 185 17.61 33.09 11.25
N LYS B 186 16.29 32.93 11.40
CA LYS B 186 15.36 34.00 11.07
C LYS B 186 15.67 35.22 11.93
N THR B 187 16.10 36.31 11.28
CA THR B 187 16.45 37.51 12.03
C THR B 187 15.23 38.07 12.76
N ASN B 188 14.06 38.06 12.11
CA ASN B 188 12.83 38.57 12.70
C ASN B 188 11.74 37.53 12.53
N GLY B 189 11.07 37.19 13.64
CA GLY B 189 9.93 36.29 13.60
C GLY B 189 8.64 37.01 13.28
N ALA B 190 8.46 37.37 12.00
CA ALA B 190 7.30 38.18 11.62
C ALA B 190 5.99 37.47 11.90
N VAL B 191 5.85 36.24 11.40
CA VAL B 191 4.62 35.45 11.55
C VAL B 191 5.01 33.98 11.71
N ASN B 192 4.01 33.14 11.95
CA ASN B 192 4.25 31.71 12.09
C ASN B 192 4.63 31.10 10.75
N GLY B 193 5.50 30.10 10.80
CA GLY B 193 5.95 29.46 9.57
C GLY B 193 6.94 30.33 8.84
N LYS B 194 6.55 30.79 7.66
CA LYS B 194 7.43 31.61 6.83
C LYS B 194 7.67 32.97 7.46
N GLY B 195 8.92 33.44 7.36
CA GLY B 195 9.31 34.73 7.89
C GLY B 195 10.20 35.50 6.93
N SER B 196 11.31 36.03 7.44
CA SER B 196 12.26 36.77 6.61
C SER B 196 13.57 36.92 7.36
N LEU B 197 14.67 36.69 6.66
CA LEU B 197 16.02 36.88 7.20
C LEU B 197 16.43 38.32 6.90
N LYS B 198 16.25 39.21 7.88
CA LYS B 198 16.54 40.61 7.65
C LYS B 198 18.05 40.84 7.52
N GLY B 199 18.43 41.67 6.57
CA GLY B 199 19.82 41.98 6.32
C GLY B 199 20.08 42.14 4.84
N GLN B 200 21.34 41.98 4.47
CA GLN B 200 21.79 42.03 3.09
C GLN B 200 22.63 40.81 2.77
N PRO B 201 22.68 40.38 1.51
CA PRO B 201 23.51 39.23 1.16
C PRO B 201 24.97 39.48 1.46
N GLY B 202 25.67 38.41 1.82
CA GLY B 202 27.08 38.47 2.14
C GLY B 202 27.40 38.41 3.62
N ASP B 203 26.42 38.62 4.49
CA ASP B 203 26.65 38.53 5.92
C ASP B 203 26.72 37.07 6.36
N ILE B 204 26.93 36.85 7.66
CA ILE B 204 27.07 35.48 8.14
C ILE B 204 25.75 34.73 8.08
N TYR B 205 24.63 35.44 8.18
CA TYR B 205 23.33 34.77 8.18
C TYR B 205 23.09 34.04 6.86
N HIS B 206 23.30 34.73 5.74
CA HIS B 206 23.05 34.12 4.43
C HIS B 206 24.07 33.03 4.12
N GLN B 207 25.32 33.24 4.52
CA GLN B 207 26.34 32.21 4.31
C GLN B 207 25.99 30.95 5.09
N THR B 208 25.48 31.10 6.32
CA THR B 208 25.05 29.94 7.10
C THR B 208 23.83 29.27 6.48
N TRP B 209 22.88 30.06 5.98
CA TRP B 209 21.70 29.49 5.35
C TRP B 209 22.04 28.80 4.02
N ALA B 210 23.16 29.15 3.40
CA ALA B 210 23.54 28.57 2.12
C ALA B 210 24.32 27.27 2.25
N ARG B 211 24.61 26.82 3.46
CA ARG B 211 25.31 25.57 3.69
C ARG B 211 24.37 24.44 4.11
N TYR B 212 23.06 24.69 4.08
CA TYR B 212 22.10 23.62 4.34
C TYR B 212 22.11 22.59 3.22
N PHE B 213 22.18 23.04 1.97
CA PHE B 213 21.95 22.16 0.82
C PHE B 213 23.09 21.15 0.66
N VAL B 214 24.34 21.61 0.73
CA VAL B 214 25.47 20.71 0.60
C VAL B 214 25.45 19.67 1.70
N LYS B 215 25.17 20.09 2.93
CA LYS B 215 25.12 19.16 4.04
C LYS B 215 24.02 18.12 3.85
N PHE B 216 22.84 18.55 3.43
CA PHE B 216 21.75 17.62 3.21
C PHE B 216 22.10 16.60 2.14
N LEU B 217 22.68 17.05 1.02
CA LEU B 217 23.02 16.14 -0.06
C LEU B 217 24.09 15.14 0.37
N ASP B 218 25.14 15.61 1.04
CA ASP B 218 26.22 14.70 1.40
C ASP B 218 25.81 13.75 2.52
N ALA B 219 24.84 14.14 3.35
CA ALA B 219 24.33 13.23 4.36
C ALA B 219 23.39 12.19 3.76
N TYR B 220 22.61 12.58 2.75
CA TYR B 220 21.66 11.66 2.14
C TYR B 220 22.35 10.68 1.19
N ALA B 221 23.47 11.07 0.59
CA ALA B 221 24.14 10.23 -0.39
C ALA B 221 25.03 9.15 0.22
N GLU B 222 24.87 8.84 1.51
CA GLU B 222 25.60 7.75 2.12
C GLU B 222 24.90 6.41 2.00
N HIS B 223 23.66 6.39 1.50
CA HIS B 223 22.90 5.17 1.29
C HIS B 223 22.75 4.86 -0.19
N LYS B 224 23.74 5.23 -0.99
CA LYS B 224 23.76 4.97 -2.43
C LYS B 224 22.56 5.61 -3.14
N LEU B 225 22.36 6.90 -2.89
CA LEU B 225 21.31 7.68 -3.53
C LEU B 225 21.89 9.00 -4.04
N GLN B 226 21.56 9.35 -5.28
CA GLN B 226 22.00 10.60 -5.88
C GLN B 226 20.83 11.29 -6.57
N PHE B 227 20.87 12.61 -6.60
CA PHE B 227 19.77 13.43 -7.08
C PHE B 227 20.05 13.91 -8.51
N TRP B 228 19.12 14.69 -9.04
CA TRP B 228 19.22 15.15 -10.43
C TRP B 228 19.12 16.66 -10.53
N ALA B 229 18.32 17.28 -9.64
CA ALA B 229 18.12 18.75 -9.69
C ALA B 229 17.81 19.30 -8.30
N VAL B 230 17.48 20.59 -8.21
CA VAL B 230 17.17 21.24 -6.90
C VAL B 230 16.30 22.48 -7.18
N THR B 231 15.59 22.98 -6.17
CA THR B 231 14.72 24.18 -6.33
C THR B 231 15.07 25.21 -5.27
N ALA B 232 14.88 26.51 -5.57
CA ALA B 232 15.25 27.59 -4.62
C ALA B 232 14.32 27.58 -3.40
N GLU B 233 13.04 27.92 -3.57
CA GLU B 233 12.08 27.97 -2.44
C GLU B 233 10.64 27.74 -2.94
N ASN B 234 9.79 27.11 -2.14
CA ASN B 234 8.37 26.86 -2.54
C ASN B 234 7.49 28.01 -2.00
N GLU B 235 6.55 28.49 -2.83
CA GLU B 235 5.65 29.61 -2.43
C GLU B 235 6.50 30.79 -1.94
N PRO B 236 7.31 31.44 -2.80
CA PRO B 236 8.22 32.50 -2.35
C PRO B 236 7.49 33.68 -1.68
N SER B 237 6.32 34.04 -2.19
CA SER B 237 5.61 35.24 -1.65
C SER B 237 4.75 34.86 -0.44
N ALA B 238 5.04 35.43 0.73
CA ALA B 238 4.19 35.19 1.93
C ALA B 238 2.94 36.06 1.78
N GLY B 239 1.80 35.45 1.45
CA GLY B 239 0.59 36.25 1.18
C GLY B 239 0.30 37.22 2.31
N LEU B 240 0.11 38.49 1.99
CA LEU B 240 -0.10 39.52 3.06
C LEU B 240 -0.71 40.78 2.43
N PHE B 251 9.42 38.74 -1.26
CA PHE B 251 8.22 39.49 -1.73
C PHE B 251 8.64 40.56 -2.73
N THR B 252 9.91 40.54 -3.15
CA THR B 252 10.38 41.49 -4.19
C THR B 252 11.17 40.71 -5.25
N PRO B 253 10.91 40.89 -6.55
CA PRO B 253 11.65 40.19 -7.58
C PRO B 253 13.06 40.81 -7.64
N GLU B 254 13.39 41.65 -6.66
CA GLU B 254 14.69 42.35 -6.70
C GLU B 254 15.68 41.71 -5.71
N HIS B 255 15.19 41.09 -4.63
CA HIS B 255 16.07 40.40 -3.64
C HIS B 255 16.59 39.09 -4.24
N GLN B 256 15.72 38.34 -4.91
CA GLN B 256 16.12 37.01 -5.46
C GLN B 256 17.35 37.20 -6.36
N ARG B 257 17.30 38.18 -7.26
CA ARG B 257 18.41 38.36 -8.22
C ARG B 257 19.72 38.50 -7.45
N ASP B 258 19.73 39.24 -6.33
CA ASP B 258 21.03 39.48 -5.62
C ASP B 258 21.43 38.28 -4.77
N PHE B 259 20.48 37.58 -4.16
CA PHE B 259 20.83 36.33 -3.43
C PHE B 259 21.47 35.35 -4.41
N ILE B 260 20.69 34.89 -5.40
CA ILE B 260 21.20 33.92 -6.35
C ILE B 260 22.57 34.36 -6.87
N ALA B 261 22.76 35.65 -7.09
CA ALA B 261 23.97 36.13 -7.75
C ALA B 261 25.19 36.05 -6.83
N ARG B 262 25.03 36.38 -5.56
CA ARG B 262 26.21 36.59 -4.72
C ARG B 262 26.75 35.31 -4.08
N ASP B 263 25.92 34.55 -3.37
CA ASP B 263 26.48 33.50 -2.52
C ASP B 263 26.00 32.09 -2.81
N LEU B 264 24.74 31.90 -3.22
CA LEU B 264 24.23 30.55 -3.41
C LEU B 264 24.92 29.83 -4.57
N GLY B 265 24.98 30.47 -5.74
CA GLY B 265 25.55 29.86 -6.91
C GLY B 265 27.01 29.49 -6.77
N PRO B 266 27.92 30.45 -6.49
CA PRO B 266 29.33 30.12 -6.29
C PRO B 266 29.55 28.90 -5.38
N THR B 267 28.81 28.80 -4.27
CA THR B 267 29.05 27.71 -3.28
C THR B 267 28.82 26.32 -3.88
N LEU B 268 27.72 26.13 -4.63
CA LEU B 268 27.40 24.76 -5.13
C LEU B 268 28.49 24.27 -6.09
N ALA B 269 28.98 25.14 -6.98
CA ALA B 269 29.97 24.70 -8.00
C ALA B 269 31.26 24.25 -7.34
N ASN B 270 31.70 24.94 -6.30
CA ASN B 270 32.98 24.59 -5.60
C ASN B 270 32.86 23.20 -4.98
N SER B 271 31.65 22.77 -4.58
CA SER B 271 31.45 21.48 -3.88
C SER B 271 31.69 20.28 -4.81
N THR B 272 31.89 19.08 -4.23
CA THR B 272 32.08 17.85 -5.04
C THR B 272 30.84 17.60 -5.90
N HIS B 273 29.66 18.03 -5.46
CA HIS B 273 28.47 17.90 -6.34
C HIS B 273 28.45 19.14 -7.24
N HIS B 274 28.59 18.93 -8.55
CA HIS B 274 28.62 20.06 -9.51
C HIS B 274 27.71 19.74 -10.70
N ASN B 275 27.22 18.50 -10.75
CA ASN B 275 26.34 18.09 -11.84
C ASN B 275 24.86 18.25 -11.49
N VAL B 276 24.53 18.91 -10.39
CA VAL B 276 23.15 19.13 -10.00
C VAL B 276 22.69 20.47 -10.58
N ARG B 277 21.56 20.45 -11.28
CA ARG B 277 21.07 21.64 -11.96
C ARG B 277 20.46 22.61 -10.94
N LEU B 278 19.83 23.67 -11.44
CA LEU B 278 19.24 24.68 -10.57
C LEU B 278 18.06 25.33 -11.30
N LEU B 279 16.85 25.10 -10.81
CA LEU B 279 15.67 25.75 -11.36
C LEU B 279 15.51 27.14 -10.77
N MET B 280 14.53 27.90 -11.24
CA MET B 280 14.42 29.31 -10.91
C MET B 280 13.21 29.63 -10.05
N LEU B 281 12.00 29.34 -10.51
CA LEU B 281 10.79 29.78 -9.83
C LEU B 281 9.86 28.60 -9.58
N ASP B 282 9.18 28.62 -8.43
CA ASP B 282 8.17 27.62 -8.08
C ASP B 282 6.94 28.37 -7.57
N ASP B 283 6.08 28.80 -8.48
CA ASP B 283 4.94 29.62 -8.12
C ASP B 283 3.92 29.58 -9.26
N GLN B 284 2.94 30.48 -9.21
CA GLN B 284 1.91 30.56 -10.23
C GLN B 284 2.49 31.16 -11.52
N ARG B 285 1.63 31.36 -12.51
CA ARG B 285 2.04 31.85 -13.82
C ARG B 285 1.53 33.25 -14.12
N LEU B 286 0.59 33.78 -13.33
CA LEU B 286 0.00 35.07 -13.65
C LEU B 286 1.04 36.17 -13.76
N LEU B 287 2.12 36.06 -12.99
CA LEU B 287 3.18 37.06 -12.98
C LEU B 287 4.40 36.65 -13.80
N LEU B 288 4.24 35.67 -14.70
CA LEU B 288 5.39 35.11 -15.43
C LEU B 288 6.12 36.10 -16.34
N PRO B 289 5.46 36.90 -17.19
CA PRO B 289 6.24 37.73 -18.13
C PRO B 289 7.16 38.74 -17.46
N HIS B 290 6.71 39.36 -16.35
CA HIS B 290 7.52 40.38 -15.70
C HIS B 290 8.64 39.75 -14.88
N TRP B 291 8.33 38.67 -14.14
CA TRP B 291 9.26 38.11 -13.18
C TRP B 291 10.59 37.73 -13.80
N ALA B 292 10.57 37.28 -15.05
CA ALA B 292 11.80 36.91 -15.75
C ALA B 292 12.63 38.12 -16.14
N LYS B 293 11.99 39.21 -16.58
CA LYS B 293 12.71 40.32 -17.19
C LYS B 293 13.63 41.03 -16.21
N VAL B 294 13.48 40.80 -14.91
CA VAL B 294 14.37 41.40 -13.93
C VAL B 294 15.59 40.52 -13.68
N VAL B 295 15.40 39.20 -13.80
CA VAL B 295 16.47 38.27 -13.41
C VAL B 295 17.33 37.90 -14.60
N LEU B 296 16.71 37.54 -15.72
CA LEU B 296 17.45 36.99 -16.85
C LEU B 296 18.33 38.04 -17.52
N THR B 297 17.89 39.30 -17.50
CA THR B 297 18.67 40.34 -18.17
C THR B 297 19.99 40.61 -17.45
N ASP B 298 20.12 40.19 -16.20
CA ASP B 298 21.34 40.42 -15.46
C ASP B 298 22.40 39.42 -15.90
N PRO B 299 23.57 39.88 -16.37
CA PRO B 299 24.59 38.92 -16.83
C PRO B 299 25.19 38.07 -15.73
N GLU B 300 25.20 38.57 -14.49
CA GLU B 300 25.81 37.80 -13.40
C GLU B 300 24.95 36.62 -12.99
N ALA B 301 23.63 36.79 -12.97
CA ALA B 301 22.72 35.76 -12.50
C ALA B 301 22.15 34.91 -13.63
N ALA B 302 22.66 35.08 -14.85
CA ALA B 302 22.20 34.30 -16.00
C ALA B 302 23.11 33.13 -16.33
N LYS B 303 24.18 32.93 -15.58
CA LYS B 303 25.09 31.81 -15.81
C LYS B 303 24.73 30.59 -14.99
N TYR B 304 23.76 30.69 -14.10
CA TYR B 304 23.42 29.61 -13.16
C TYR B 304 22.07 28.97 -13.42
N VAL B 305 21.07 29.74 -13.87
CA VAL B 305 19.75 29.18 -14.08
C VAL B 305 19.78 28.20 -15.25
N HIS B 306 19.02 27.11 -15.12
CA HIS B 306 18.92 26.07 -16.14
C HIS B 306 17.49 25.61 -16.32
N GLY B 307 16.55 26.55 -16.37
CA GLY B 307 15.16 26.19 -16.58
C GLY B 307 14.20 26.98 -15.72
N ILE B 308 12.90 26.76 -15.89
CA ILE B 308 11.87 27.42 -15.12
C ILE B 308 10.80 26.40 -14.76
N ALA B 309 10.27 26.49 -13.55
CA ALA B 309 9.17 25.65 -13.09
C ALA B 309 7.94 26.51 -12.84
N VAL B 310 6.76 25.94 -13.12
CA VAL B 310 5.50 26.67 -13.04
C VAL B 310 4.45 25.78 -12.39
N HIS B 311 3.39 26.39 -11.89
CA HIS B 311 2.30 25.68 -11.23
C HIS B 311 1.03 25.71 -12.05
N TRP B 312 0.18 24.72 -11.79
CA TRP B 312 -1.15 24.62 -12.38
C TRP B 312 -2.18 24.48 -11.27
N TYR B 313 -3.27 25.23 -11.34
CA TYR B 313 -4.25 25.23 -10.22
C TYR B 313 -5.58 24.61 -10.64
N LEU B 314 -5.60 23.84 -11.74
CA LEU B 314 -6.79 23.14 -12.22
C LEU B 314 -7.89 24.11 -12.69
N ASP B 315 -7.50 25.30 -13.13
CA ASP B 315 -8.43 26.27 -13.67
C ASP B 315 -7.86 26.87 -14.95
N PHE B 316 -8.73 27.18 -15.90
CA PHE B 316 -8.31 27.68 -17.20
C PHE B 316 -8.87 29.07 -17.51
N LEU B 317 -9.42 29.76 -16.51
CA LEU B 317 -9.96 31.11 -16.76
C LEU B 317 -8.86 32.08 -17.17
N ALA B 318 -7.70 32.01 -16.51
CA ALA B 318 -6.60 32.89 -16.87
C ALA B 318 -6.08 32.54 -18.26
N PRO B 319 -5.90 33.54 -19.14
CA PRO B 319 -5.43 33.24 -20.49
C PRO B 319 -4.04 32.60 -20.49
N ALA B 320 -3.85 31.67 -21.41
CA ALA B 320 -2.57 30.96 -21.54
C ALA B 320 -1.70 31.49 -22.67
N LYS B 321 -2.23 32.36 -23.51
CA LYS B 321 -1.45 32.91 -24.62
C LYS B 321 -0.76 34.22 -24.27
N ALA B 322 -1.24 34.94 -23.26
CA ALA B 322 -0.62 36.20 -22.88
C ALA B 322 0.66 36.01 -22.08
N THR B 323 0.76 34.95 -21.28
CA THR B 323 1.89 34.74 -20.39
C THR B 323 2.73 33.53 -20.79
N LEU B 324 2.12 32.35 -20.87
CA LEU B 324 2.90 31.14 -21.17
C LEU B 324 3.38 31.15 -22.61
N GLY B 325 2.52 31.56 -23.55
CA GLY B 325 2.90 31.55 -24.96
C GLY B 325 3.80 32.69 -25.38
N GLU B 326 3.92 33.73 -24.55
CA GLU B 326 4.70 34.90 -24.93
C GLU B 326 6.15 34.78 -24.47
N THR B 327 6.39 34.08 -23.36
CA THR B 327 7.74 34.00 -22.79
C THR B 327 8.71 33.33 -23.75
N HIS B 328 8.26 32.31 -24.47
CA HIS B 328 9.15 31.57 -25.36
C HIS B 328 9.70 32.43 -26.50
N ARG B 329 9.03 33.55 -26.82
CA ARG B 329 9.52 34.38 -27.92
C ARG B 329 10.81 35.10 -27.55
N LEU B 330 10.86 35.71 -26.35
CA LEU B 330 12.02 36.51 -25.97
C LEU B 330 13.22 35.66 -25.58
N PHE B 331 13.02 34.57 -24.84
CA PHE B 331 14.12 33.80 -24.26
C PHE B 331 14.02 32.34 -24.69
N PRO B 332 14.48 32.02 -25.89
CA PRO B 332 14.54 30.60 -26.29
C PRO B 332 15.66 29.88 -25.56
N ASN B 333 15.70 28.56 -25.77
CA ASN B 333 16.67 27.66 -25.17
C ASN B 333 16.59 27.62 -23.65
N THR B 334 15.41 27.85 -23.08
CA THR B 334 15.18 27.72 -21.65
C THR B 334 13.97 26.82 -21.43
N MET B 335 14.21 25.62 -20.90
CA MET B 335 13.15 24.63 -20.79
C MET B 335 12.12 25.04 -19.74
N LEU B 336 10.92 24.48 -19.87
CA LEU B 336 9.84 24.71 -18.92
C LEU B 336 9.44 23.40 -18.27
N PHE B 337 8.98 23.47 -17.02
CA PHE B 337 8.63 22.28 -16.28
C PHE B 337 7.44 22.59 -15.38
N ALA B 338 6.48 21.67 -15.32
CA ALA B 338 5.32 21.82 -14.44
C ALA B 338 5.64 21.18 -13.10
N SER B 339 5.94 22.02 -12.09
CA SER B 339 6.45 21.52 -10.82
C SER B 339 5.43 20.66 -10.10
N GLU B 340 4.18 21.12 -10.04
CA GLU B 340 3.14 20.42 -9.28
C GLU B 340 1.77 20.83 -9.77
N ALA B 341 0.91 19.85 -10.05
CA ALA B 341 -0.49 20.09 -10.38
C ALA B 341 -1.27 20.32 -9.09
N CYS B 342 -0.97 21.46 -8.46
CA CYS B 342 -1.53 21.83 -7.17
C CYS B 342 -3.06 21.82 -7.18
N VAL B 343 -3.66 20.90 -6.41
CA VAL B 343 -5.11 20.89 -6.29
C VAL B 343 -5.58 22.16 -5.60
N GLY B 344 -6.69 22.71 -6.09
CA GLY B 344 -7.18 23.96 -5.56
C GLY B 344 -7.47 23.91 -4.06
N SER B 345 -8.03 22.79 -3.61
CA SER B 345 -8.34 22.58 -2.18
C SER B 345 -9.23 23.70 -1.64
N LYS B 346 -10.28 24.03 -2.40
CA LYS B 346 -11.21 25.06 -1.95
C LYS B 346 -11.91 24.67 -0.66
N PHE B 347 -12.08 23.37 -0.43
CA PHE B 347 -12.63 22.79 0.79
C PHE B 347 -14.09 23.14 1.04
N TRP B 348 -14.73 23.87 0.13
CA TRP B 348 -16.15 24.17 0.31
C TRP B 348 -17.01 22.95 0.02
N GLU B 349 -16.55 22.07 -0.87
CA GLU B 349 -17.25 20.84 -1.19
C GLU B 349 -16.75 19.71 -0.28
N GLN B 350 -17.30 18.51 -0.49
CA GLN B 350 -16.88 17.38 0.31
C GLN B 350 -15.43 17.03 0.01
N SER B 351 -14.70 16.59 1.03
CA SER B 351 -13.28 16.34 0.88
C SER B 351 -13.02 15.20 -0.10
N VAL B 352 -13.77 14.09 0.03
CA VAL B 352 -13.55 12.91 -0.79
C VAL B 352 -14.88 12.38 -1.28
N ARG B 353 -15.00 12.19 -2.59
CA ARG B 353 -16.14 11.53 -3.20
C ARG B 353 -15.65 10.33 -3.98
N LEU B 354 -16.20 9.15 -3.71
CA LEU B 354 -15.70 7.90 -4.27
C LEU B 354 -16.39 7.61 -5.59
N GLY B 355 -15.60 7.54 -6.65
CA GLY B 355 -16.12 7.19 -7.97
C GLY B 355 -16.90 8.30 -8.64
N SER B 356 -16.24 9.40 -8.99
CA SER B 356 -16.87 10.52 -9.70
C SER B 356 -16.17 10.72 -11.03
N TRP B 357 -16.95 10.78 -12.11
CA TRP B 357 -16.39 10.91 -13.45
C TRP B 357 -15.91 12.32 -13.72
N ASP B 358 -16.61 13.32 -13.17
CA ASP B 358 -16.36 14.71 -13.53
C ASP B 358 -14.94 15.15 -13.15
N ARG B 359 -14.44 14.68 -12.01
CA ARG B 359 -13.10 15.07 -11.58
C ARG B 359 -12.03 14.45 -12.46
N GLY B 360 -12.40 13.48 -13.31
CA GLY B 360 -11.41 12.85 -14.17
C GLY B 360 -11.08 13.68 -15.40
N MET B 361 -12.03 14.49 -15.87
CA MET B 361 -11.83 15.23 -17.11
C MET B 361 -10.77 16.32 -16.96
N GLN B 362 -10.71 16.93 -15.78
CA GLN B 362 -9.79 18.07 -15.54
C GLN B 362 -8.32 17.64 -15.56
N TYR B 363 -7.99 16.44 -15.13
CA TYR B 363 -6.57 15.98 -15.22
C TYR B 363 -6.15 15.85 -16.69
N SER B 364 -6.98 15.27 -17.56
CA SER B 364 -6.62 15.06 -18.98
C SER B 364 -6.62 16.36 -19.80
N HIS B 365 -7.60 17.23 -19.59
CA HIS B 365 -7.68 18.52 -20.34
C HIS B 365 -6.46 19.39 -20.03
N SER B 366 -5.94 19.34 -18.80
CA SER B 366 -4.69 20.09 -18.47
C SER B 366 -3.47 19.50 -19.18
N ILE B 367 -3.31 18.17 -19.22
CA ILE B 367 -2.09 17.56 -19.83
C ILE B 367 -2.12 17.75 -21.34
N ILE B 368 -3.30 17.95 -21.93
CA ILE B 368 -3.43 18.17 -23.40
C ILE B 368 -3.25 19.66 -23.66
N THR B 369 -3.70 20.50 -22.73
CA THR B 369 -3.44 21.92 -22.98
C THR B 369 -1.97 22.27 -22.79
N ASN B 370 -1.33 21.71 -21.74
CA ASN B 370 0.04 22.08 -21.45
C ASN B 370 1.00 21.70 -22.57
N LEU B 371 0.82 20.51 -23.16
CA LEU B 371 1.75 20.01 -24.17
C LEU B 371 1.71 20.84 -25.45
N LEU B 372 0.67 21.64 -25.66
CA LEU B 372 0.57 22.44 -26.87
C LEU B 372 1.40 23.71 -26.82
N TYR B 373 1.89 24.10 -25.65
CA TYR B 373 2.59 25.37 -25.47
C TYR B 373 4.03 25.15 -24.99
N HIS B 374 4.69 24.13 -25.54
CA HIS B 374 6.12 23.88 -25.37
C HIS B 374 6.52 23.44 -23.97
N VAL B 375 5.57 23.09 -23.11
CA VAL B 375 5.89 22.64 -21.75
C VAL B 375 6.11 21.13 -21.76
N VAL B 376 7.12 20.67 -21.05
CA VAL B 376 7.50 19.26 -21.03
C VAL B 376 7.59 18.79 -19.58
N GLY B 377 6.89 17.71 -19.25
CA GLY B 377 6.93 17.15 -17.92
C GLY B 377 5.65 17.43 -17.15
N TRP B 378 5.40 16.61 -16.13
CA TRP B 378 4.20 16.77 -15.31
C TRP B 378 4.42 16.03 -13.99
N THR B 379 3.76 16.50 -12.92
CA THR B 379 3.92 15.90 -11.60
C THR B 379 2.67 16.13 -10.77
N ASP B 380 2.37 15.17 -9.89
CA ASP B 380 1.24 15.17 -8.97
C ASP B 380 1.69 15.56 -7.56
N TRP B 381 0.82 15.33 -6.58
CA TRP B 381 1.11 15.69 -5.19
C TRP B 381 1.29 14.48 -4.28
N ASN B 382 0.30 13.58 -4.22
CA ASN B 382 0.29 12.51 -3.22
C ASN B 382 0.11 11.16 -3.89
N LEU B 383 0.24 10.10 -3.08
CA LEU B 383 0.11 8.73 -3.54
C LEU B 383 -1.07 8.00 -2.93
N ALA B 384 -1.21 8.01 -1.60
CA ALA B 384 -2.29 7.32 -0.92
C ALA B 384 -2.78 8.14 0.27
N LEU B 385 -4.06 8.02 0.60
CA LEU B 385 -4.65 8.81 1.72
C LEU B 385 -5.72 7.97 2.42
N ASN B 386 -6.11 8.36 3.64
CA ASN B 386 -7.14 7.61 4.41
C ASN B 386 -8.53 8.04 3.90
N PRO B 387 -9.63 7.34 4.26
CA PRO B 387 -10.96 7.66 3.72
C PRO B 387 -11.41 9.10 3.96
N GLU B 388 -11.14 9.70 5.13
CA GLU B 388 -11.63 11.07 5.42
C GLU B 388 -10.78 12.10 4.68
N GLY B 389 -9.46 12.00 4.81
CA GLY B 389 -8.52 12.98 4.22
C GLY B 389 -7.19 12.74 4.90
N GLY B 390 -6.08 13.12 4.30
CA GLY B 390 -4.79 12.74 4.91
C GLY B 390 -4.59 13.31 6.30
N PRO B 391 -3.70 12.72 7.14
CA PRO B 391 -3.40 13.33 8.43
C PRO B 391 -2.76 14.71 8.22
N ASN B 392 -3.47 15.79 8.54
CA ASN B 392 -2.93 17.17 8.33
C ASN B 392 -2.82 17.88 9.68
N TRP B 393 -1.93 18.86 9.79
CA TRP B 393 -1.70 19.55 11.09
C TRP B 393 -2.60 20.80 11.19
N VAL B 394 -3.05 21.35 10.06
CA VAL B 394 -3.86 22.59 10.08
C VAL B 394 -5.32 22.28 9.71
N ARG B 395 -5.69 20.99 9.67
CA ARG B 395 -7.09 20.59 9.38
C ARG B 395 -7.49 20.99 7.96
N ASN B 396 -6.68 20.66 6.95
CA ASN B 396 -7.06 20.91 5.53
C ASN B 396 -7.03 19.56 4.82
N PHE B 397 -8.02 19.26 3.97
CA PHE B 397 -8.08 17.89 3.36
C PHE B 397 -8.13 17.95 1.83
N VAL B 398 -7.70 16.87 1.16
CA VAL B 398 -7.67 16.81 -0.32
C VAL B 398 -8.04 15.40 -0.78
N ASP B 399 -7.96 15.10 -2.09
CA ASP B 399 -8.32 13.77 -2.64
C ASP B 399 -7.13 13.15 -3.38
N SER B 400 -7.07 11.82 -3.48
CA SER B 400 -5.92 11.13 -4.13
C SER B 400 -6.40 9.97 -5.00
N PRO B 401 -5.57 9.46 -5.95
CA PRO B 401 -5.98 8.38 -6.87
C PRO B 401 -6.37 7.07 -6.18
N ILE B 402 -5.57 6.60 -5.20
CA ILE B 402 -5.83 5.30 -4.52
C ILE B 402 -6.10 5.56 -3.03
N ILE B 403 -7.17 4.98 -2.48
CA ILE B 403 -7.51 5.16 -1.04
C ILE B 403 -7.24 3.84 -0.31
N VAL B 404 -6.85 3.90 0.97
CA VAL B 404 -6.47 2.71 1.73
C VAL B 404 -7.32 2.64 3.00
N ASP B 405 -7.93 1.48 3.25
CA ASP B 405 -8.67 1.20 4.47
C ASP B 405 -7.97 0.08 5.25
N ILE B 406 -7.65 0.32 6.53
CA ILE B 406 -6.79 -0.64 7.29
C ILE B 406 -7.57 -1.76 7.98
N THR B 407 -8.66 -1.45 8.68
CA THR B 407 -9.36 -2.50 9.47
C THR B 407 -9.77 -3.68 8.57
N LYS B 408 -10.25 -3.41 7.36
CA LYS B 408 -10.70 -4.50 6.44
C LYS B 408 -9.56 -4.94 5.52
N ASP B 409 -8.37 -4.34 5.65
CA ASP B 409 -7.19 -4.74 4.84
C ASP B 409 -7.54 -4.70 3.34
N THR B 410 -8.10 -3.59 2.85
CA THR B 410 -8.46 -3.46 1.41
C THR B 410 -8.03 -2.10 0.88
N PHE B 411 -7.71 -1.99 -0.42
CA PHE B 411 -7.37 -0.68 -1.02
C PHE B 411 -8.26 -0.46 -2.26
N TYR B 412 -8.50 0.79 -2.63
CA TYR B 412 -9.45 1.06 -3.75
C TYR B 412 -8.85 1.99 -4.80
N LYS B 413 -9.28 1.87 -6.05
CA LYS B 413 -8.85 2.71 -7.15
C LYS B 413 -9.96 3.69 -7.53
N GLN B 414 -9.65 4.62 -8.44
CA GLN B 414 -10.60 5.66 -8.83
C GLN B 414 -10.49 5.96 -10.32
N PRO B 415 -11.48 6.64 -10.92
CA PRO B 415 -11.41 6.90 -12.37
C PRO B 415 -10.20 7.70 -12.83
N MET B 416 -9.58 8.52 -11.97
CA MET B 416 -8.43 9.30 -12.40
C MET B 416 -7.23 8.41 -12.71
N PHE B 417 -7.21 7.21 -12.13
CA PHE B 417 -6.12 6.26 -12.38
C PHE B 417 -5.98 5.97 -13.88
N TYR B 418 -7.09 5.65 -14.54
CA TYR B 418 -7.04 5.29 -15.95
C TYR B 418 -6.82 6.50 -16.85
N HIS B 419 -7.35 7.66 -16.45
CA HIS B 419 -7.10 8.87 -17.21
C HIS B 419 -5.62 9.23 -17.23
N LEU B 420 -4.92 9.00 -16.11
CA LEU B 420 -3.48 9.18 -16.12
C LEU B 420 -2.77 8.05 -16.87
N GLY B 421 -3.30 6.82 -16.79
CA GLY B 421 -2.64 5.70 -17.43
C GLY B 421 -2.69 5.75 -18.94
N HIS B 422 -3.70 6.42 -19.49
CA HIS B 422 -3.78 6.55 -20.94
C HIS B 422 -2.58 7.32 -21.49
N PHE B 423 -2.22 8.43 -20.84
CA PHE B 423 -1.07 9.21 -21.28
C PHE B 423 0.24 8.56 -20.88
N SER B 424 0.31 7.99 -19.66
CA SER B 424 1.60 7.61 -19.10
C SER B 424 2.16 6.33 -19.72
N LYS B 425 1.30 5.37 -20.05
CA LYS B 425 1.78 4.03 -20.39
C LYS B 425 2.43 3.98 -21.77
N PHE B 426 1.83 4.66 -22.76
CA PHE B 426 2.19 4.46 -24.16
C PHE B 426 3.24 5.45 -24.68
N ILE B 427 3.64 6.44 -23.89
CA ILE B 427 4.53 7.49 -24.36
C ILE B 427 5.88 7.32 -23.66
N PRO B 428 6.92 6.87 -24.36
CA PRO B 428 8.25 6.80 -23.73
C PRO B 428 8.92 8.15 -23.62
N GLU B 429 10.18 8.18 -23.20
CA GLU B 429 10.94 9.42 -23.09
C GLU B 429 11.80 9.60 -24.33
N GLY B 430 11.62 10.74 -25.02
CA GLY B 430 12.40 11.02 -26.20
C GLY B 430 11.63 10.88 -27.50
N SER B 431 10.39 11.34 -27.53
CA SER B 431 9.55 11.31 -28.72
C SER B 431 9.04 12.71 -29.02
N GLN B 432 9.07 13.09 -30.29
CA GLN B 432 8.75 14.46 -30.69
C GLN B 432 7.26 14.64 -30.96
N ARG B 433 6.89 15.88 -31.27
CA ARG B 433 5.55 16.22 -31.73
C ARG B 433 5.63 16.65 -33.20
N VAL B 434 4.83 16.01 -34.06
CA VAL B 434 5.00 16.23 -35.49
C VAL B 434 4.05 17.30 -36.02
N GLY B 435 2.76 17.21 -35.70
CA GLY B 435 1.84 18.21 -36.20
C GLY B 435 0.64 17.68 -36.95
N LEU B 436 -0.54 18.20 -36.59
CA LEU B 436 -1.81 17.74 -37.12
C LEU B 436 -2.69 18.94 -37.43
N VAL B 437 -3.39 18.87 -38.56
CA VAL B 437 -4.22 19.98 -39.03
C VAL B 437 -5.64 19.46 -39.28
N ALA B 438 -6.62 20.18 -38.75
CA ALA B 438 -8.02 19.83 -38.96
C ALA B 438 -8.56 20.59 -40.17
N SER B 439 -9.77 20.21 -40.59
CA SER B 439 -10.41 20.79 -41.76
C SER B 439 -11.60 21.68 -41.41
N GLN B 440 -12.36 21.34 -40.38
CA GLN B 440 -13.48 22.15 -39.92
C GLN B 440 -13.44 22.25 -38.40
N LYS B 441 -14.08 23.30 -37.88
CA LYS B 441 -14.15 23.48 -36.44
C LYS B 441 -14.92 22.33 -35.80
N ASN B 442 -14.36 21.78 -34.73
CA ASN B 442 -14.90 20.60 -34.08
C ASN B 442 -14.93 20.82 -32.57
N ASP B 443 -15.24 19.74 -31.84
CA ASP B 443 -15.31 19.77 -30.38
C ASP B 443 -14.26 18.87 -29.76
N LEU B 444 -13.72 17.92 -30.50
CA LEU B 444 -12.79 16.92 -29.99
C LEU B 444 -11.43 17.54 -29.70
N ASP B 445 -10.64 16.83 -28.90
CA ASP B 445 -9.26 17.22 -28.62
C ASP B 445 -8.32 16.08 -28.98
N ALA B 446 -7.20 16.42 -29.60
CA ALA B 446 -6.26 15.40 -30.08
C ALA B 446 -4.85 15.94 -30.14
N VAL B 447 -3.87 15.04 -30.02
CA VAL B 447 -2.43 15.42 -30.10
C VAL B 447 -1.70 14.29 -30.83
N ALA B 448 -0.70 14.61 -31.65
CA ALA B 448 0.00 13.57 -32.45
C ALA B 448 1.50 13.55 -32.12
N LEU B 449 2.05 12.37 -31.83
CA LEU B 449 3.49 12.22 -31.52
C LEU B 449 4.07 11.03 -32.29
N MET B 450 5.37 11.04 -32.56
CA MET B 450 6.02 9.92 -33.31
C MET B 450 7.09 9.28 -32.43
N HIS B 451 7.07 7.95 -32.32
CA HIS B 451 8.05 7.23 -31.44
C HIS B 451 9.45 7.33 -32.06
N PRO B 452 10.53 7.10 -31.28
CA PRO B 452 11.90 7.21 -31.81
C PRO B 452 12.13 6.23 -32.95
N ASP B 453 11.57 5.02 -32.85
CA ASP B 453 11.72 3.99 -33.91
C ASP B 453 11.06 4.48 -35.22
N GLY B 454 9.92 5.18 -35.12
CA GLY B 454 9.20 5.62 -36.33
C GLY B 454 7.73 5.25 -36.34
N SER B 455 7.23 4.56 -35.31
CA SER B 455 5.78 4.25 -35.20
C SER B 455 5.03 5.48 -34.70
N ALA B 456 3.69 5.47 -34.71
CA ALA B 456 2.91 6.67 -34.34
C ALA B 456 1.87 6.36 -33.26
N VAL B 457 1.38 7.39 -32.57
CA VAL B 457 0.35 7.21 -31.51
C VAL B 457 -0.57 8.44 -31.49
N VAL B 458 -1.89 8.24 -31.33
CA VAL B 458 -2.84 9.36 -31.32
C VAL B 458 -3.83 9.18 -30.18
N VAL B 459 -4.14 10.27 -29.48
CA VAL B 459 -5.06 10.26 -28.33
C VAL B 459 -6.21 11.20 -28.63
N VAL B 460 -7.44 10.73 -28.41
CA VAL B 460 -8.64 11.51 -28.72
C VAL B 460 -9.54 11.58 -27.50
N LEU B 461 -10.00 12.80 -27.19
CA LEU B 461 -10.85 13.09 -26.03
C LEU B 461 -12.09 13.87 -26.44
N ASN B 462 -13.23 13.51 -25.86
CA ASN B 462 -14.52 14.15 -26.11
C ASN B 462 -15.22 14.41 -24.78
N ARG B 463 -15.99 15.51 -24.71
CA ARG B 463 -16.65 15.94 -23.49
C ARG B 463 -18.10 16.36 -23.72
N SER B 464 -18.79 15.73 -24.66
CA SER B 464 -20.18 16.03 -24.94
C SER B 464 -21.00 14.73 -24.92
N SER B 465 -22.25 14.82 -25.37
CA SER B 465 -23.16 13.68 -25.36
C SER B 465 -23.60 13.27 -26.76
N LYS B 466 -22.80 13.56 -27.79
CA LYS B 466 -23.13 13.24 -29.17
C LYS B 466 -21.98 12.49 -29.82
N ASP B 467 -22.29 11.47 -30.60
CA ASP B 467 -21.28 10.73 -31.33
C ASP B 467 -20.81 11.51 -32.56
N VAL B 468 -19.54 11.31 -32.93
CA VAL B 468 -18.99 11.98 -34.10
C VAL B 468 -18.24 10.99 -34.99
N PRO B 469 -18.38 11.07 -36.31
CA PRO B 469 -17.56 10.24 -37.19
C PRO B 469 -16.30 10.97 -37.62
N LEU B 470 -15.22 10.21 -37.80
CA LEU B 470 -13.93 10.83 -38.09
C LEU B 470 -13.08 9.90 -38.93
N THR B 471 -12.10 10.50 -39.61
CA THR B 471 -11.21 9.82 -40.54
C THR B 471 -9.83 10.47 -40.48
N ILE B 472 -8.78 9.66 -40.50
CA ILE B 472 -7.40 10.13 -40.45
C ILE B 472 -6.68 9.62 -41.69
N LYS B 473 -5.96 10.52 -42.37
CA LYS B 473 -5.27 10.21 -43.61
C LYS B 473 -3.77 10.31 -43.40
N ASP B 474 -3.03 9.29 -43.82
CA ASP B 474 -1.58 9.29 -43.79
C ASP B 474 -1.05 9.06 -45.19
N PRO B 475 -0.11 9.88 -45.66
CA PRO B 475 0.39 9.72 -47.04
C PRO B 475 1.07 8.39 -47.30
N ALA B 476 1.76 7.83 -46.31
CA ALA B 476 2.56 6.64 -46.54
C ALA B 476 1.73 5.38 -46.68
N VAL B 477 0.71 5.21 -45.84
CA VAL B 477 0.01 3.92 -45.75
C VAL B 477 -1.43 3.99 -46.26
N GLY B 478 -2.14 5.10 -46.06
CA GLY B 478 -3.52 5.16 -46.51
C GLY B 478 -4.47 5.89 -45.57
N PHE B 479 -5.72 5.47 -45.54
CA PHE B 479 -6.76 6.12 -44.75
C PHE B 479 -7.30 5.16 -43.70
N LEU B 480 -7.77 5.72 -42.57
CA LEU B 480 -8.44 4.92 -41.56
C LEU B 480 -9.65 5.68 -41.04
N GLU B 481 -10.74 4.95 -40.83
CA GLU B 481 -12.02 5.54 -40.47
C GLU B 481 -12.53 4.94 -39.17
N THR B 482 -13.21 5.76 -38.37
CA THR B 482 -13.74 5.27 -37.09
C THR B 482 -14.88 6.17 -36.64
N ILE B 483 -15.30 6.00 -35.39
CA ILE B 483 -16.36 6.80 -34.79
C ILE B 483 -16.09 6.93 -33.30
N SER B 484 -16.47 8.06 -32.72
CA SER B 484 -16.21 8.35 -31.30
C SER B 484 -17.51 8.66 -30.58
N PRO B 485 -17.89 7.88 -29.57
CA PRO B 485 -19.11 8.17 -28.81
C PRO B 485 -18.86 9.22 -27.72
N GLY B 486 -19.96 9.61 -27.07
CA GLY B 486 -19.85 10.60 -26.02
C GLY B 486 -19.32 10.01 -24.73
N TYR B 487 -18.65 10.87 -23.95
CA TYR B 487 -18.07 10.49 -22.66
C TYR B 487 -17.16 9.28 -22.79
N SER B 488 -16.08 9.45 -23.55
CA SER B 488 -15.14 8.36 -23.78
C SER B 488 -13.79 8.93 -24.18
N ILE B 489 -12.76 8.10 -24.06
CA ILE B 489 -11.40 8.47 -24.45
C ILE B 489 -10.75 7.30 -25.19
N HIS B 490 -10.01 7.62 -26.25
CA HIS B 490 -9.49 6.60 -27.16
C HIS B 490 -8.00 6.80 -27.42
N THR B 491 -7.31 5.69 -27.65
CA THR B 491 -5.90 5.70 -28.05
C THR B 491 -5.68 4.78 -29.24
N TYR B 492 -5.09 5.30 -30.30
CA TYR B 492 -4.81 4.56 -31.53
C TYR B 492 -3.31 4.36 -31.72
N LEU B 493 -2.93 3.13 -32.08
CA LEU B 493 -1.55 2.78 -32.40
C LEU B 493 -1.49 2.13 -33.78
N TRP B 494 -0.45 2.48 -34.52
CA TRP B 494 -0.15 1.80 -35.78
C TRP B 494 1.33 1.98 -36.11
N ARG B 495 1.82 1.07 -36.95
CA ARG B 495 3.24 0.93 -37.26
C ARG B 495 3.50 1.30 -38.71
N ARG B 496 4.51 2.13 -38.92
CA ARG B 496 4.93 2.55 -40.25
C ARG B 496 6.02 1.63 -40.76
N GLN B 497 6.09 1.49 -42.09
CA GLN B 497 7.08 0.66 -42.75
C GLN B 497 8.50 1.03 -42.33
N GLN C 1 22.98 -5.87 -35.27
CA GLN C 1 24.43 -5.72 -35.18
C GLN C 1 24.86 -4.33 -35.63
N VAL C 2 25.54 -3.61 -34.75
CA VAL C 2 26.04 -2.27 -35.02
C VAL C 2 27.55 -2.25 -34.81
N GLN C 3 28.27 -1.60 -35.72
CA GLN C 3 29.72 -1.58 -35.70
C GLN C 3 30.22 -0.37 -34.92
N LEU C 4 30.91 -0.62 -33.80
CA LEU C 4 31.49 0.44 -32.99
C LEU C 4 33.01 0.44 -33.23
N VAL C 5 33.42 1.15 -34.28
CA VAL C 5 34.83 1.16 -34.70
C VAL C 5 35.56 2.20 -33.86
N GLU C 6 36.58 1.76 -33.13
CA GLU C 6 37.42 2.68 -32.37
C GLU C 6 38.72 2.94 -33.11
N SER C 7 39.15 4.20 -33.13
CA SER C 7 40.35 4.59 -33.86
C SER C 7 41.02 5.76 -33.17
N GLY C 8 42.27 6.00 -33.54
CA GLY C 8 43.06 7.07 -32.98
C GLY C 8 43.87 6.72 -31.76
N GLY C 9 43.70 5.53 -31.20
CA GLY C 9 44.47 5.16 -30.04
C GLY C 9 45.93 4.92 -30.40
N GLY C 10 46.82 5.34 -29.50
CA GLY C 10 48.24 5.17 -29.72
C GLY C 10 49.03 6.14 -28.87
N LEU C 11 50.34 6.07 -29.04
CA LEU C 11 51.29 6.91 -28.33
C LEU C 11 51.79 8.03 -29.23
N VAL C 12 51.94 9.22 -28.65
CA VAL C 12 52.38 10.41 -29.39
C VAL C 12 53.49 11.07 -28.59
N GLN C 13 54.25 11.94 -29.26
CA GLN C 13 55.31 12.67 -28.60
C GLN C 13 54.72 13.58 -27.52
N PRO C 14 55.39 13.74 -26.39
CA PRO C 14 54.87 14.64 -25.35
C PRO C 14 54.72 16.06 -25.87
N GLY C 15 53.67 16.73 -25.42
CA GLY C 15 53.33 18.05 -25.89
C GLY C 15 52.30 18.07 -27.00
N GLY C 16 51.50 17.02 -27.16
CA GLY C 16 50.51 16.96 -28.21
C GLY C 16 49.15 16.60 -27.66
N SER C 17 48.14 16.81 -28.49
CA SER C 17 46.75 16.58 -28.12
C SER C 17 46.27 15.28 -28.77
N LEU C 18 46.08 14.26 -27.97
CA LEU C 18 45.55 13.00 -28.48
C LEU C 18 44.07 13.16 -28.83
N ARG C 19 43.61 12.33 -29.77
CA ARG C 19 42.24 12.42 -30.27
C ARG C 19 41.73 11.02 -30.55
N LEU C 20 40.63 10.65 -29.92
CA LEU C 20 39.97 9.37 -30.16
C LEU C 20 38.79 9.56 -31.10
N SER C 21 38.40 8.47 -31.76
CA SER C 21 37.31 8.51 -32.74
C SER C 21 36.49 7.24 -32.61
N CYS C 22 35.19 7.41 -32.36
CA CYS C 22 34.24 6.30 -32.35
C CYS C 22 33.30 6.47 -33.54
N ALA C 23 33.26 5.46 -34.39
CA ALA C 23 32.44 5.46 -35.60
C ALA C 23 31.36 4.41 -35.49
N ALA C 24 30.14 4.76 -35.89
CA ALA C 24 28.98 3.89 -35.77
C ALA C 24 28.23 3.83 -37.10
N SER C 25 27.58 2.69 -37.33
CA SER C 25 26.81 2.48 -38.55
C SER C 25 25.67 1.52 -38.25
N GLY C 26 24.74 1.41 -39.18
CA GLY C 26 23.59 0.56 -39.02
C GLY C 26 22.42 1.18 -38.26
N PHE C 27 22.53 2.46 -37.88
CA PHE C 27 21.46 3.13 -37.18
C PHE C 27 21.62 4.63 -37.34
N THR C 28 20.57 5.36 -37.02
CA THR C 28 20.59 6.82 -37.04
C THR C 28 21.21 7.33 -35.74
N LEU C 29 22.29 8.08 -35.85
CA LEU C 29 23.03 8.52 -34.66
C LEU C 29 22.27 9.55 -33.86
N ASP C 30 21.27 10.22 -34.44
CA ASP C 30 20.59 11.31 -33.75
C ASP C 30 19.70 10.82 -32.62
N TYR C 31 19.41 9.52 -32.55
CA TYR C 31 18.54 8.98 -31.51
C TYR C 31 19.27 8.00 -30.61
N TYR C 32 20.59 8.12 -30.50
CA TYR C 32 21.40 7.25 -29.66
C TYR C 32 22.34 8.11 -28.81
N ALA C 33 22.46 7.76 -27.54
CA ALA C 33 23.33 8.49 -26.62
C ALA C 33 24.59 7.66 -26.36
N ILE C 34 25.71 8.10 -26.92
CA ILE C 34 26.97 7.37 -26.83
C ILE C 34 27.80 7.93 -25.68
N GLY C 35 28.54 7.06 -25.01
CA GLY C 35 29.35 7.49 -23.88
C GLY C 35 30.61 6.68 -23.68
N TRP C 36 31.75 7.35 -23.62
CA TRP C 36 33.03 6.67 -23.41
C TRP C 36 33.14 6.15 -21.99
N PHE C 37 33.75 4.98 -21.85
CA PHE C 37 34.00 4.39 -20.54
C PHE C 37 35.46 3.97 -20.45
N ARG C 38 35.96 3.87 -19.22
CA ARG C 38 37.37 3.54 -18.99
C ARG C 38 37.47 2.54 -17.85
N GLN C 39 38.26 1.49 -18.05
CA GLN C 39 38.51 0.51 -17.00
C GLN C 39 39.98 0.12 -16.98
N ALA C 40 40.44 -0.29 -15.80
CA ALA C 40 41.81 -0.74 -15.60
C ALA C 40 41.77 -2.08 -14.87
N PRO C 41 42.76 -2.95 -15.11
CA PRO C 41 42.78 -4.25 -14.44
C PRO C 41 42.80 -4.15 -12.93
N GLY C 42 41.99 -4.96 -12.26
CA GLY C 42 41.93 -4.95 -10.81
C GLY C 42 41.49 -3.62 -10.24
N LYS C 43 40.57 -2.92 -10.91
CA LYS C 43 40.12 -1.62 -10.50
C LYS C 43 38.62 -1.51 -10.66
N GLU C 44 38.03 -0.60 -9.88
CA GLU C 44 36.60 -0.32 -10.01
C GLU C 44 36.31 0.37 -11.34
N ARG C 45 35.22 -0.05 -11.97
CA ARG C 45 34.85 0.51 -13.27
C ARG C 45 34.52 1.99 -13.14
N GLU C 46 35.05 2.79 -14.06
CA GLU C 46 34.92 4.25 -14.00
C GLU C 46 34.47 4.79 -15.34
N GLY C 47 34.07 6.07 -15.33
CA GLY C 47 33.63 6.75 -16.52
C GLY C 47 34.47 8.01 -16.77
N VAL C 48 34.43 8.48 -18.01
CA VAL C 48 35.23 9.62 -18.42
C VAL C 48 34.34 10.76 -18.93
N SER C 49 33.38 10.44 -19.78
CA SER C 49 32.56 11.47 -20.39
C SER C 49 31.25 10.85 -20.86
N CYS C 50 30.31 11.72 -21.22
CA CYS C 50 29.01 11.30 -21.73
C CYS C 50 28.41 12.47 -22.49
N ILE C 51 27.74 12.19 -23.61
CA ILE C 51 27.09 13.20 -24.42
C ILE C 51 25.70 12.71 -24.80
N SER C 52 24.71 13.60 -24.68
CA SER C 52 23.32 13.25 -24.94
C SER C 52 22.94 13.74 -26.34
N SER C 53 22.29 12.86 -27.10
CA SER C 53 21.87 13.22 -28.45
C SER C 53 20.64 14.12 -28.44
N SER C 54 19.72 13.89 -27.50
CA SER C 54 18.48 14.65 -27.47
C SER C 54 18.75 16.14 -27.22
N ASP C 55 19.51 16.45 -26.17
CA ASP C 55 19.88 17.82 -25.86
C ASP C 55 21.35 17.84 -25.45
N GLY C 56 22.07 18.86 -25.91
CA GLY C 56 23.48 18.97 -25.63
C GLY C 56 23.85 18.96 -24.16
N SER C 57 24.83 18.15 -23.79
CA SER C 57 25.31 18.09 -22.42
C SER C 57 26.76 17.66 -22.43
N THR C 58 27.47 17.99 -21.35
CA THR C 58 28.90 17.75 -21.26
C THR C 58 29.26 17.19 -19.88
N TYR C 59 28.54 16.14 -19.47
CA TYR C 59 28.80 15.53 -18.17
C TYR C 59 30.25 15.09 -18.06
N TYR C 60 30.90 15.43 -16.94
CA TYR C 60 32.35 15.12 -16.82
C TYR C 60 32.68 14.44 -15.50
N ALA C 61 33.75 13.65 -15.49
CA ALA C 61 34.20 13.00 -14.24
C ALA C 61 34.86 14.05 -13.35
N ASP C 62 34.91 13.81 -12.04
CA ASP C 62 35.55 14.76 -11.09
C ASP C 62 37.05 14.86 -11.40
N SER C 63 37.66 13.80 -11.93
CA SER C 63 39.13 13.81 -12.13
C SER C 63 39.56 14.96 -13.04
N ALA C 64 38.86 15.18 -14.16
CA ALA C 64 39.18 16.37 -14.98
C ALA C 64 37.89 17.12 -15.35
N LYS C 65 37.66 18.28 -14.73
CA LYS C 65 36.43 19.06 -15.00
C LYS C 65 36.45 19.62 -16.43
N GLY C 66 37.61 20.07 -16.92
CA GLY C 66 37.64 20.71 -18.26
C GLY C 66 38.74 20.21 -19.17
N ARG C 67 39.75 19.52 -18.64
CA ARG C 67 40.89 19.09 -19.49
C ARG C 67 40.38 18.41 -20.76
N PHE C 68 39.37 17.53 -20.64
CA PHE C 68 38.84 16.78 -21.80
C PHE C 68 37.88 17.65 -22.61
N THR C 69 37.63 17.30 -23.88
CA THR C 69 36.64 18.04 -24.71
C THR C 69 35.90 17.03 -25.60
N ILE C 70 34.56 17.05 -25.59
CA ILE C 70 33.78 16.11 -26.37
C ILE C 70 33.27 16.80 -27.63
N SER C 71 33.09 16.03 -28.71
CA SER C 71 32.54 16.58 -29.93
C SER C 71 31.87 15.48 -30.74
N ARG C 72 30.94 15.87 -31.60
CA ARG C 72 30.24 14.94 -32.46
C ARG C 72 30.17 15.50 -33.88
N ASP C 73 29.99 14.61 -34.86
CA ASP C 73 29.84 15.00 -36.26
C ASP C 73 28.74 14.13 -36.86
N ASN C 74 27.60 14.75 -37.18
CA ASN C 74 26.49 14.02 -37.75
C ASN C 74 26.72 13.71 -39.22
N ALA C 75 27.55 14.51 -39.89
CA ALA C 75 27.84 14.26 -41.30
C ALA C 75 28.53 12.92 -41.49
N LYS C 76 29.51 12.60 -40.64
CA LYS C 76 30.19 11.32 -40.67
C LYS C 76 29.71 10.36 -39.59
N ASN C 77 28.75 10.77 -38.77
CA ASN C 77 28.20 9.93 -37.70
C ASN C 77 29.31 9.43 -36.77
N THR C 78 30.22 10.33 -36.40
CA THR C 78 31.39 9.95 -35.61
C THR C 78 31.57 10.90 -34.44
N VAL C 79 31.94 10.36 -33.29
CA VAL C 79 32.17 11.17 -32.09
C VAL C 79 33.65 11.16 -31.76
N TYR C 80 34.13 12.26 -31.20
CA TYR C 80 35.54 12.48 -30.95
C TYR C 80 35.76 13.04 -29.55
N LEU C 81 36.93 12.76 -29.00
CA LEU C 81 37.42 13.34 -27.77
C LEU C 81 38.66 14.18 -28.06
N GLN C 82 38.94 15.11 -27.16
CA GLN C 82 40.05 16.05 -27.29
C GLN C 82 40.82 16.05 -25.98
N MET C 83 42.12 15.74 -26.08
CA MET C 83 43.01 15.55 -24.93
C MET C 83 43.87 16.80 -24.78
N ASN C 84 43.96 17.33 -23.56
CA ASN C 84 44.71 18.55 -23.32
C ASN C 84 46.04 18.31 -22.62
N SER C 85 46.03 17.70 -21.44
CA SER C 85 47.25 17.46 -20.67
C SER C 85 47.32 15.99 -20.29
N LEU C 86 48.53 15.43 -20.32
CA LEU C 86 48.73 14.01 -20.04
C LEU C 86 48.97 13.80 -18.55
N LYS C 87 48.04 13.10 -17.90
CA LYS C 87 48.25 12.69 -16.52
C LYS C 87 49.37 11.64 -16.48
N PRO C 88 50.24 11.63 -15.44
CA PRO C 88 51.25 10.58 -15.31
C PRO C 88 50.57 9.23 -15.57
N GLU C 89 49.52 8.91 -14.81
CA GLU C 89 48.86 7.59 -14.97
C GLU C 89 47.61 7.73 -15.83
N ASP C 90 47.70 7.34 -17.11
CA ASP C 90 46.52 7.36 -18.01
C ASP C 90 46.52 6.03 -18.77
N THR C 91 46.98 4.97 -18.12
CA THR C 91 47.06 3.64 -18.78
C THR C 91 45.80 2.84 -18.45
N ALA C 92 44.83 2.78 -19.38
CA ALA C 92 43.61 1.97 -19.17
C ALA C 92 42.91 1.74 -20.51
N VAL C 93 42.04 0.73 -20.57
CA VAL C 93 41.29 0.43 -21.82
C VAL C 93 40.09 1.38 -21.92
N TYR C 94 39.85 1.94 -23.11
CA TYR C 94 38.72 2.89 -23.30
C TYR C 94 37.67 2.23 -24.19
N TYR C 95 36.41 2.21 -23.75
CA TYR C 95 35.36 1.50 -24.52
C TYR C 95 34.35 2.49 -25.07
N CYS C 96 33.67 2.13 -26.16
CA CYS C 96 32.61 3.00 -26.72
C CYS C 96 31.31 2.20 -26.64
N ALA C 97 30.33 2.65 -25.87
CA ALA C 97 29.12 1.82 -25.66
C ALA C 97 27.86 2.47 -26.23
N THR C 98 26.69 2.18 -25.64
CA THR C 98 25.42 2.81 -26.08
C THR C 98 24.55 3.01 -24.83
N ASP C 99 23.30 3.45 -24.99
CA ASP C 99 22.45 3.74 -23.79
C ASP C 99 20.97 3.82 -24.19
N ARG C 100 20.09 3.48 -23.25
CA ARG C 100 18.62 3.54 -23.52
C ARG C 100 18.06 4.75 -22.76
N GLY C 101 18.95 5.54 -22.15
CA GLY C 101 18.52 6.75 -21.41
C GLY C 101 19.54 7.85 -21.61
N GLN C 102 19.33 9.05 -21.09
CA GLN C 102 20.36 10.10 -21.34
C GLN C 102 21.39 10.14 -20.21
N CYS C 103 22.55 9.48 -20.38
CA CYS C 103 23.65 9.48 -19.38
C CYS C 103 23.16 9.01 -18.01
N THR C 104 22.80 7.72 -17.89
CA THR C 104 22.26 7.15 -16.62
C THR C 104 23.32 7.08 -15.51
N TYR C 105 24.59 6.94 -15.85
CA TYR C 105 25.66 6.80 -14.83
C TYR C 105 25.74 8.10 -14.01
N TYR C 106 25.39 9.25 -14.60
CA TYR C 106 25.59 10.54 -13.89
C TYR C 106 24.27 11.20 -13.46
N SER C 107 23.11 10.70 -13.93
CA SER C 107 21.81 11.36 -13.61
C SER C 107 20.71 10.33 -13.35
N SER C 108 20.90 9.41 -12.40
CA SER C 108 19.91 8.34 -12.16
C SER C 108 19.62 8.19 -10.67
N GLY C 109 18.76 7.23 -10.30
CA GLY C 109 18.39 7.03 -8.88
C GLY C 109 19.46 6.34 -8.06
N TYR C 110 20.19 5.37 -8.62
CA TYR C 110 21.18 4.61 -7.84
C TYR C 110 22.58 5.11 -8.16
N TYR C 111 23.50 5.04 -7.19
CA TYR C 111 24.88 5.56 -7.39
C TYR C 111 25.65 4.66 -8.37
N ARG C 112 26.09 5.21 -9.50
CA ARG C 112 26.92 4.45 -10.47
C ARG C 112 26.26 3.13 -10.88
N ASP C 113 25.13 3.19 -11.61
CA ASP C 113 24.47 1.96 -12.12
C ASP C 113 24.96 1.65 -13.54
N LEU C 114 25.15 0.37 -13.88
CA LEU C 114 25.68 -0.01 -15.22
C LEU C 114 24.87 -1.16 -15.81
N ARG C 115 23.55 -1.20 -15.56
CA ARG C 115 22.68 -2.26 -16.14
C ARG C 115 22.20 -1.92 -17.57
N TRP C 116 21.79 -0.68 -17.82
CA TRP C 116 21.20 -0.31 -19.14
C TRP C 116 22.18 -0.45 -20.31
N TYR C 117 23.45 -0.10 -20.13
CA TYR C 117 24.41 -0.11 -21.26
C TYR C 117 24.43 -1.47 -21.97
N ASP C 118 24.36 -1.48 -23.31
CA ASP C 118 24.42 -2.73 -24.10
C ASP C 118 25.14 -2.44 -25.43
N TYR C 119 25.10 -3.34 -26.39
CA TYR C 119 25.86 -3.17 -27.66
C TYR C 119 27.25 -2.60 -27.34
N TRP C 120 28.03 -3.31 -26.52
CA TRP C 120 29.38 -2.87 -26.22
C TRP C 120 30.31 -3.21 -27.40
N GLY C 121 31.47 -2.55 -27.40
CA GLY C 121 32.46 -2.76 -28.45
C GLY C 121 33.82 -3.03 -27.86
N GLN C 122 34.79 -3.19 -28.77
CA GLN C 122 36.17 -3.44 -28.36
C GLN C 122 36.77 -2.20 -27.72
N GLY C 123 37.84 -2.41 -26.95
CA GLY C 123 38.48 -1.35 -26.21
C GLY C 123 39.87 -1.05 -26.74
N THR C 124 40.31 0.19 -26.54
CA THR C 124 41.68 0.59 -26.96
C THR C 124 42.39 1.17 -25.74
N GLN C 125 43.66 0.83 -25.53
CA GLN C 125 44.38 1.30 -24.31
C GLN C 125 45.67 2.01 -24.71
N VAL C 126 45.97 3.15 -24.09
CA VAL C 126 47.23 3.90 -24.37
C VAL C 126 47.97 4.06 -23.04
N THR C 127 49.30 4.13 -23.08
CA THR C 127 50.08 4.17 -21.81
C THR C 127 50.87 5.47 -21.69
N VAL C 128 50.77 6.15 -20.55
CA VAL C 128 51.59 7.37 -20.30
C VAL C 128 52.49 7.07 -19.10
N PRO C 129 53.80 7.36 -19.15
CA PRO C 129 54.66 7.13 -18.00
C PRO C 129 54.17 7.99 -16.82
N PRO C 130 54.01 7.41 -15.60
CA PRO C 130 53.59 8.19 -14.44
C PRO C 130 54.77 8.96 -13.82
N GLN D 1 4.92 -19.21 -32.52
CA GLN D 1 5.36 -18.54 -33.73
C GLN D 1 4.67 -17.19 -33.87
N VAL D 2 5.27 -16.28 -34.65
CA VAL D 2 4.66 -14.98 -34.87
C VAL D 2 3.32 -15.12 -35.57
N GLN D 3 3.26 -15.96 -36.59
CA GLN D 3 2.02 -16.26 -37.29
C GLN D 3 1.92 -17.76 -37.50
N LEU D 4 0.78 -18.35 -37.14
CA LEU D 4 0.61 -19.81 -37.18
C LEU D 4 -0.75 -20.19 -37.76
N VAL D 5 -1.29 -19.36 -38.66
CA VAL D 5 -2.62 -19.59 -39.22
C VAL D 5 -2.51 -19.62 -40.74
N GLU D 6 -3.09 -20.65 -41.34
CA GLU D 6 -3.18 -20.72 -42.79
C GLU D 6 -4.32 -19.82 -43.29
N SER D 7 -4.41 -19.67 -44.62
CA SER D 7 -5.35 -18.73 -45.19
C SER D 7 -6.79 -19.05 -44.78
N GLY D 8 -7.23 -20.27 -45.06
CA GLY D 8 -8.59 -20.66 -44.69
C GLY D 8 -9.62 -19.72 -45.28
N GLY D 9 -10.46 -19.16 -44.41
CA GLY D 9 -11.39 -18.13 -44.82
C GLY D 9 -12.57 -18.60 -45.64
N GLY D 10 -12.90 -19.89 -45.58
CA GLY D 10 -14.07 -20.39 -46.29
C GLY D 10 -15.34 -19.75 -45.78
N LEU D 11 -16.11 -19.15 -46.69
CA LEU D 11 -17.32 -18.40 -46.32
C LEU D 11 -18.54 -19.09 -46.91
N VAL D 12 -19.36 -19.69 -46.05
CA VAL D 12 -20.65 -20.19 -46.49
C VAL D 12 -21.54 -19.02 -46.85
N GLN D 13 -22.28 -19.16 -47.94
CA GLN D 13 -23.06 -18.05 -48.51
C GLN D 13 -24.52 -18.47 -48.66
N PRO D 14 -25.28 -18.47 -47.57
CA PRO D 14 -26.72 -18.71 -47.68
C PRO D 14 -27.41 -17.56 -48.40
N GLY D 15 -28.50 -17.90 -49.09
CA GLY D 15 -29.23 -16.92 -49.87
C GLY D 15 -30.53 -16.48 -49.23
N GLY D 16 -31.03 -15.31 -49.62
CA GLY D 16 -32.30 -14.82 -49.11
C GLY D 16 -32.17 -14.21 -47.73
N SER D 17 -33.33 -13.85 -47.18
CA SER D 17 -33.42 -13.27 -45.85
C SER D 17 -33.42 -14.40 -44.81
N LEU D 18 -32.26 -15.02 -44.67
CA LEU D 18 -32.08 -16.14 -43.76
C LEU D 18 -30.79 -15.92 -42.98
N ARG D 19 -30.40 -16.92 -42.20
CA ARG D 19 -29.21 -16.85 -41.37
C ARG D 19 -27.96 -17.16 -42.20
N LEU D 20 -26.95 -16.32 -42.09
CA LEU D 20 -25.68 -16.51 -42.77
C LEU D 20 -24.65 -17.04 -41.79
N SER D 21 -23.99 -18.14 -42.13
CA SER D 21 -23.06 -18.82 -41.24
C SER D 21 -21.64 -18.64 -41.77
N CYS D 22 -20.84 -17.84 -41.08
CA CYS D 22 -19.42 -17.68 -41.40
C CYS D 22 -18.63 -18.60 -40.47
N ALA D 23 -17.82 -19.48 -41.06
CA ALA D 23 -17.07 -20.46 -40.31
C ALA D 23 -15.60 -20.42 -40.70
N ALA D 24 -14.74 -20.74 -39.74
CA ALA D 24 -13.30 -20.78 -39.99
C ALA D 24 -12.87 -22.21 -40.31
N SER D 25 -12.05 -22.34 -41.35
CA SER D 25 -11.57 -23.64 -41.81
C SER D 25 -10.05 -23.65 -41.80
N GLY D 26 -9.47 -24.69 -41.22
CA GLY D 26 -8.03 -24.83 -41.16
C GLY D 26 -7.49 -24.92 -39.75
N SER D 27 -6.22 -24.62 -39.58
CA SER D 27 -5.56 -24.65 -38.28
C SER D 27 -5.27 -23.24 -37.82
N ILE D 28 -5.71 -22.90 -36.61
CA ILE D 28 -5.52 -21.58 -36.04
C ILE D 28 -4.91 -21.72 -34.65
N PHE D 29 -4.31 -20.63 -34.17
CA PHE D 29 -3.69 -20.57 -32.86
C PHE D 29 -4.45 -19.66 -31.89
N SER D 30 -4.68 -18.42 -32.28
CA SER D 30 -5.45 -17.48 -31.46
C SER D 30 -6.27 -16.59 -32.37
N ILE D 31 -7.33 -16.02 -31.81
CA ILE D 31 -8.26 -15.18 -32.56
C ILE D 31 -8.62 -13.98 -31.68
N ASN D 32 -8.75 -12.81 -32.30
CA ASN D 32 -8.98 -11.57 -31.56
C ASN D 32 -10.27 -10.85 -31.95
N THR D 33 -10.63 -10.81 -33.23
CA THR D 33 -11.79 -10.05 -33.65
C THR D 33 -12.30 -10.61 -34.98
N MET D 34 -13.63 -10.75 -35.10
CA MET D 34 -14.19 -11.12 -36.40
C MET D 34 -15.53 -10.43 -36.61
N GLY D 35 -15.80 -10.06 -37.85
CA GLY D 35 -17.03 -9.36 -38.16
C GLY D 35 -17.39 -9.44 -39.63
N TRP D 36 -18.34 -8.58 -40.02
CA TRP D 36 -18.86 -8.56 -41.37
C TRP D 36 -18.78 -7.16 -41.95
N TYR D 37 -18.68 -7.08 -43.27
CA TYR D 37 -18.60 -5.81 -43.99
C TYR D 37 -19.57 -5.82 -45.17
N ARG D 38 -20.04 -4.63 -45.53
CA ARG D 38 -21.03 -4.50 -46.64
C ARG D 38 -20.54 -3.44 -47.63
N GLN D 39 -20.62 -3.72 -48.94
CA GLN D 39 -20.15 -2.76 -49.98
C GLN D 39 -21.25 -2.57 -51.02
N ALA D 40 -21.45 -1.34 -51.48
CA ALA D 40 -22.53 -1.04 -52.46
C ALA D 40 -21.94 -0.34 -53.68
N PRO D 41 -22.63 -0.35 -54.85
CA PRO D 41 -22.07 0.23 -56.09
C PRO D 41 -21.74 1.72 -55.94
N GLY D 42 -20.62 2.16 -56.53
CA GLY D 42 -20.21 3.58 -56.44
C GLY D 42 -20.01 4.02 -55.00
N LYS D 43 -19.49 3.13 -54.15
CA LYS D 43 -19.32 3.45 -52.71
C LYS D 43 -18.13 2.65 -52.15
N GLU D 44 -17.89 2.76 -50.84
CA GLU D 44 -16.76 2.04 -50.20
C GLU D 44 -17.31 1.03 -49.19
N ARG D 45 -16.51 0.04 -48.79
CA ARG D 45 -16.97 -1.02 -47.86
C ARG D 45 -17.30 -0.41 -46.50
N GLU D 46 -18.19 -1.05 -45.72
CA GLU D 46 -18.64 -0.43 -44.44
C GLU D 46 -18.70 -1.49 -43.33
N MET D 47 -18.62 -1.07 -42.06
CA MET D 47 -18.72 -2.01 -40.90
C MET D 47 -20.18 -2.05 -40.42
N VAL D 48 -20.72 -3.25 -40.22
CA VAL D 48 -22.13 -3.41 -39.76
C VAL D 48 -22.16 -3.87 -38.30
N ALA D 49 -21.38 -4.90 -37.94
CA ALA D 49 -21.31 -5.38 -36.54
C ALA D 49 -20.06 -6.25 -36.36
N TYR D 50 -19.59 -6.42 -35.12
CA TYR D 50 -18.45 -7.34 -34.88
C TYR D 50 -18.46 -7.85 -33.43
N ILE D 51 -17.74 -8.95 -33.15
CA ILE D 51 -17.69 -9.52 -31.77
C ILE D 51 -16.25 -9.81 -31.35
N ILE D 52 -15.80 -9.28 -30.21
CA ILE D 52 -14.45 -9.64 -29.70
C ILE D 52 -14.64 -10.97 -28.97
N THR D 53 -13.67 -11.89 -29.04
CA THR D 53 -13.82 -13.22 -28.45
C THR D 53 -14.30 -13.16 -27.01
N PHE D 54 -13.74 -12.25 -26.21
CA PHE D 54 -14.12 -12.09 -24.81
C PHE D 54 -14.42 -10.61 -24.57
N GLY D 55 -15.66 -10.22 -24.83
CA GLY D 55 -16.05 -8.83 -24.70
C GLY D 55 -17.47 -8.55 -25.11
N SER D 56 -17.69 -7.50 -25.90
CA SER D 56 -19.01 -7.05 -26.26
C SER D 56 -19.10 -6.87 -27.77
N THR D 57 -20.34 -6.74 -28.25
CA THR D 57 -20.62 -6.57 -29.67
C THR D 57 -21.18 -5.17 -29.91
N ASN D 58 -20.59 -4.45 -30.87
CA ASN D 58 -21.01 -3.12 -31.23
C ASN D 58 -21.92 -3.17 -32.47
N TYR D 59 -22.48 -2.02 -32.82
CA TYR D 59 -23.42 -1.93 -33.92
C TYR D 59 -23.22 -0.62 -34.67
N ALA D 60 -23.85 -0.53 -35.83
CA ALA D 60 -23.85 0.68 -36.64
C ALA D 60 -25.12 1.48 -36.40
N ASP D 61 -25.00 2.80 -36.49
CA ASP D 61 -26.11 3.68 -36.14
C ASP D 61 -27.31 3.45 -37.05
N SER D 62 -27.08 3.30 -38.36
CA SER D 62 -28.18 3.13 -39.29
C SER D 62 -28.79 1.73 -39.21
N VAL D 63 -27.97 0.73 -38.86
CA VAL D 63 -28.43 -0.65 -38.83
C VAL D 63 -29.02 -1.07 -37.49
N LYS D 64 -28.61 -0.41 -36.40
CA LYS D 64 -29.00 -0.84 -35.06
C LYS D 64 -30.52 -0.87 -34.91
N GLY D 65 -31.00 -1.88 -34.19
CA GLY D 65 -32.42 -2.06 -33.96
C GLY D 65 -33.14 -2.90 -34.99
N ARG D 66 -32.43 -3.43 -35.99
CA ARG D 66 -33.05 -4.23 -37.04
C ARG D 66 -32.55 -5.66 -37.10
N PHE D 67 -31.27 -5.90 -36.82
CA PHE D 67 -30.68 -7.22 -36.95
C PHE D 67 -30.09 -7.68 -35.61
N THR D 68 -29.47 -8.85 -35.64
CA THR D 68 -28.80 -9.40 -34.47
C THR D 68 -27.66 -10.28 -34.94
N ILE D 69 -26.69 -10.50 -34.04
CA ILE D 69 -25.51 -11.30 -34.33
C ILE D 69 -25.34 -12.34 -33.23
N SER D 70 -25.09 -13.59 -33.64
CA SER D 70 -24.83 -14.67 -32.69
C SER D 70 -23.54 -15.37 -33.08
N GLY D 71 -22.85 -15.92 -32.08
CA GLY D 71 -21.60 -16.59 -32.32
C GLY D 71 -21.43 -17.76 -31.39
N ASP D 72 -20.61 -18.73 -31.81
CA ASP D 72 -20.30 -19.92 -31.01
C ASP D 72 -18.83 -20.23 -31.19
N ASN D 73 -18.09 -20.25 -30.07
CA ASN D 73 -16.66 -20.51 -30.09
C ASN D 73 -16.31 -21.99 -30.11
N ALA D 74 -17.28 -22.86 -29.84
CA ALA D 74 -17.01 -24.30 -29.86
C ALA D 74 -16.61 -24.75 -31.26
N ASN D 75 -17.33 -24.30 -32.29
CA ASN D 75 -17.01 -24.58 -33.67
C ASN D 75 -16.48 -23.36 -34.41
N ASN D 76 -16.28 -22.25 -33.73
CA ASN D 76 -15.80 -21.00 -34.34
C ASN D 76 -16.71 -20.57 -35.49
N THR D 77 -18.02 -20.56 -35.22
CA THR D 77 -19.01 -20.27 -36.25
C THR D 77 -19.88 -19.12 -35.81
N MET D 78 -20.07 -18.14 -36.70
CA MET D 78 -20.89 -16.97 -36.41
C MET D 78 -22.13 -16.99 -37.31
N TRP D 79 -23.30 -16.90 -36.69
CA TRP D 79 -24.57 -16.86 -37.40
C TRP D 79 -25.12 -15.44 -37.32
N LEU D 80 -25.24 -14.79 -38.47
CA LEU D 80 -25.80 -13.45 -38.56
C LEU D 80 -27.24 -13.59 -39.03
N GLN D 81 -28.18 -13.45 -38.09
CA GLN D 81 -29.59 -13.65 -38.40
C GLN D 81 -30.12 -12.43 -39.15
N MET D 82 -30.63 -12.66 -40.36
CA MET D 82 -31.23 -11.61 -41.17
C MET D 82 -32.74 -11.74 -41.07
N ASN D 83 -33.41 -10.67 -40.66
CA ASN D 83 -34.86 -10.71 -40.53
C ASN D 83 -35.52 -10.84 -41.90
N SER D 84 -36.67 -11.51 -41.91
CA SER D 84 -37.36 -11.85 -43.15
C SER D 84 -37.89 -10.58 -43.81
N LEU D 85 -37.27 -10.20 -44.92
CA LEU D 85 -37.62 -9.05 -45.76
C LEU D 85 -37.50 -7.71 -45.05
N LYS D 86 -37.03 -7.68 -43.80
CA LYS D 86 -36.84 -6.39 -43.13
C LYS D 86 -35.80 -5.52 -43.81
N PRO D 87 -34.60 -6.02 -44.18
CA PRO D 87 -33.64 -5.15 -44.86
C PRO D 87 -34.04 -4.82 -46.29
N GLU D 88 -34.43 -3.57 -46.53
CA GLU D 88 -34.73 -3.14 -47.90
C GLU D 88 -33.45 -2.97 -48.71
N ASP D 89 -32.38 -2.50 -48.07
CA ASP D 89 -31.13 -2.29 -48.78
C ASP D 89 -30.46 -3.62 -49.12
N THR D 90 -29.80 -3.66 -50.27
CA THR D 90 -29.09 -4.83 -50.73
C THR D 90 -27.71 -4.42 -51.22
N ALA D 91 -26.73 -5.29 -51.00
CA ALA D 91 -25.34 -5.01 -51.34
C ALA D 91 -24.55 -6.32 -51.28
N VAL D 92 -23.23 -6.19 -51.38
CA VAL D 92 -22.31 -7.33 -51.34
C VAL D 92 -21.77 -7.49 -49.93
N TYR D 93 -21.80 -8.72 -49.42
CA TYR D 93 -21.44 -9.01 -48.04
C TYR D 93 -20.13 -9.79 -47.97
N TYR D 94 -19.26 -9.36 -47.06
CA TYR D 94 -17.95 -9.99 -46.86
C TYR D 94 -17.79 -10.34 -45.39
N CYS D 95 -17.00 -11.39 -45.13
CA CYS D 95 -16.68 -11.83 -43.78
C CYS D 95 -15.19 -11.59 -43.52
N TYR D 96 -14.88 -10.89 -42.43
CA TYR D 96 -13.51 -10.49 -42.13
C TYR D 96 -13.12 -11.02 -40.75
N ALA D 97 -11.86 -11.40 -40.61
CA ALA D 97 -11.34 -11.91 -39.34
C ALA D 97 -9.84 -11.65 -39.28
N ALA D 98 -9.40 -11.00 -38.21
CA ALA D 98 -7.97 -10.76 -37.97
C ALA D 98 -7.42 -11.87 -37.07
N ILE D 99 -7.30 -13.06 -37.67
CA ILE D 99 -6.97 -14.25 -36.88
C ILE D 99 -5.57 -14.12 -36.30
N ARG D 100 -4.56 -14.10 -37.15
CA ARG D 100 -3.18 -13.93 -36.71
C ARG D 100 -2.26 -13.72 -37.92
N THR D 106 3.00 -10.33 -36.76
CA THR D 106 2.14 -10.88 -35.68
C THR D 106 0.77 -11.22 -36.27
N TYR D 107 -0.29 -10.67 -35.67
CA TYR D 107 -1.64 -10.89 -36.21
C TYR D 107 -1.68 -10.26 -37.61
N THR D 108 -2.36 -10.90 -38.57
CA THR D 108 -2.49 -10.37 -39.95
C THR D 108 -3.93 -10.52 -40.41
N SER D 109 -4.39 -9.63 -41.31
CA SER D 109 -5.78 -9.68 -41.82
C SER D 109 -5.94 -10.83 -42.81
N TYR D 110 -7.14 -11.43 -42.89
CA TYR D 110 -7.41 -12.51 -43.87
C TYR D 110 -8.72 -12.20 -44.61
N TRP D 111 -8.71 -11.20 -45.48
CA TRP D 111 -9.92 -10.87 -46.27
C TRP D 111 -10.32 -12.10 -47.09
N GLY D 112 -11.61 -12.42 -47.13
CA GLY D 112 -12.08 -13.61 -47.85
C GLY D 112 -13.12 -13.27 -48.91
N GLN D 113 -13.27 -14.12 -49.92
CA GLN D 113 -14.27 -13.90 -50.95
C GLN D 113 -15.66 -13.83 -50.34
N GLY D 114 -16.49 -12.92 -50.85
CA GLY D 114 -17.81 -12.70 -50.30
C GLY D 114 -18.94 -13.08 -51.23
N THR D 115 -20.17 -12.80 -50.81
CA THR D 115 -21.35 -13.14 -51.58
C THR D 115 -22.16 -11.89 -51.93
N GLN D 116 -23.21 -12.11 -52.71
CA GLN D 116 -24.10 -10.99 -53.12
C GLN D 116 -25.57 -11.38 -53.00
N VAL D 117 -26.47 -10.39 -53.05
CA VAL D 117 -27.93 -10.63 -52.92
C VAL D 117 -28.63 -9.42 -53.54
N THR D 118 -29.94 -9.50 -53.82
CA THR D 118 -30.69 -8.32 -54.32
C THR D 118 -32.04 -8.22 -53.59
N VAL D 119 -32.38 -7.03 -53.07
CA VAL D 119 -33.71 -6.84 -52.42
C VAL D 119 -34.35 -5.59 -53.03
N PRO D 120 -34.93 -5.68 -54.24
CA PRO D 120 -35.48 -4.51 -54.93
C PRO D 120 -36.98 -4.31 -54.71
N PRO D 121 -37.58 -3.19 -55.17
CA PRO D 121 -39.03 -3.00 -55.07
C PRO D 121 -39.79 -3.94 -56.01
#